data_6VY5
#
_entry.id   6VY5
#
_cell.length_a   186.701
_cell.length_b   186.701
_cell.length_c   81.312
_cell.angle_alpha   90.000
_cell.angle_beta   90.000
_cell.angle_gamma   120.000
#
_symmetry.space_group_name_H-M   'P 32 2 1'
#
loop_
_entity.id
_entity.type
_entity.pdbx_description
1 polymer 'Anti-Hendra receptor binding protein antibody HENV-26 Fab heavy chain'
2 polymer 'Anti-Hendra receptor binding protein antibody HENV-26 Fab light chain'
3 polymer 'receptor binding protein'
4 non-polymer 2-acetamido-2-deoxy-beta-D-glucopyranose
#
loop_
_entity_poly.entity_id
_entity_poly.type
_entity_poly.pdbx_seq_one_letter_code
_entity_poly.pdbx_strand_id
1 'polypeptide(L)'
;EVQLLESGGGLIQPGGSLRLSCAASGFTFSRFTMSWVRQPPGKGPEWVSGISGSGGHTYYADSVKGRFTISRDNSKNTLY
LQMNSLKAEDTAVYYCAKDGFVGQQLMRRGPWWFDPWGQGTLVTVSSASTKGPSVFPLAPSSKSTSGGTAALGCLVKDYF
PEPVTVSWNSGALTSGVHTFPAVLQSSGLYSLSSVVTVPSSSLGTQTYICNVNHKPSNTKVDKKVEPKSC
;
H
2 'polypeptide(L)'
;SYVLTQPPSVSVAPGQTARISCGGNNIGNKGVHWYQQKPGQAPVVVVYDDSDRPSGIPERFSGSNSGNTATLTISRVEAG
DEADYYCQVWDSSSDHVVFGGGTKLTVLGQPKANPTVTLFPPSSEELQANKATLVCLISDFYPGAVTVAWKADGSPVKAG
VETTKPSKQSNNKYAASSYLSLTPEQWKSHRSYSCQVTHEGSTVEKTVAPTECS
;
L
3 'polypeptide(L)'
;GLPNNICLQKTSNQILKPKLISYTLPVVGQSGTCITDPLLAMDEGYFAYSHLERIGSCSRGVSKQRIIGVGEVLDRGDEV
PSLFMTNVWTPPNPNTVYHCSAVYNNEFYYVLCAVSTVGDPILNSTYWSGSLMMTRLAVKPKSNGGGYNQHQLALRSIEK
GRYDKVMPYGPSGIKQGDTLYFPAVGFLVRTEFKYNDSNCPITKCQYSKPENCRLSMGIRPNSHYILRSGLLKYNLSDGE
NPKVVFIEISDQRLSIGSPSKIYDSLGQPVFYQASFSWDTMIKFGDVLTVNPLVVNWRNNTVISRPGQSQCPRFNTCPEI
CWEGVYNDAFLIDRINWISAGVFLDSNQTAENPVFTVFKDNEILYRAQLASEDTNAQKTITNCFLLKNKIWCISLVEIYD
TGDNVIRPKLFAVKIPEQCTENLYFQGHHHHHH
;
A
#
loop_
_chem_comp.id
_chem_comp.type
_chem_comp.name
_chem_comp.formula
NAG D-saccharide, beta linking 2-acetamido-2-deoxy-beta-D-glucopyranose 'C8 H15 N O6'
#
# COMPACT_ATOMS: atom_id res chain seq x y z
N GLU A 1 -2.24 15.53 -16.75
CA GLU A 1 -2.29 14.95 -15.42
C GLU A 1 -2.98 13.60 -15.42
N VAL A 2 -3.21 13.06 -14.22
CA VAL A 2 -3.91 11.79 -14.04
C VAL A 2 -5.34 12.08 -13.62
N GLN A 3 -6.29 11.33 -14.16
CA GLN A 3 -7.69 11.51 -13.81
C GLN A 3 -8.44 10.20 -13.97
N LEU A 4 -9.31 9.91 -13.00
CA LEU A 4 -10.20 8.76 -13.05
C LEU A 4 -11.63 9.26 -13.24
N LEU A 5 -12.32 8.69 -14.22
CA LEU A 5 -13.68 9.10 -14.58
C LEU A 5 -14.62 7.91 -14.37
N GLU A 6 -15.31 7.89 -13.23
CA GLU A 6 -16.27 6.83 -12.96
C GLU A 6 -17.56 7.06 -13.73
N SER A 7 -18.37 6.01 -13.82
CA SER A 7 -19.66 6.06 -14.49
C SER A 7 -20.42 4.79 -14.14
N GLY A 8 -21.70 4.76 -14.51
CA GLY A 8 -22.52 3.59 -14.38
C GLY A 8 -23.38 3.53 -13.13
N GLY A 9 -23.24 4.48 -12.22
CA GLY A 9 -24.05 4.48 -11.02
C GLY A 9 -25.51 4.79 -11.32
N GLY A 10 -26.35 4.57 -10.31
CA GLY A 10 -27.76 4.87 -10.47
C GLY A 10 -28.67 4.32 -9.39
N LEU A 11 -29.76 3.70 -9.82
CA LEU A 11 -30.88 3.37 -8.95
C LEU A 11 -31.41 2.00 -9.33
N ILE A 12 -31.51 1.10 -8.36
CA ILE A 12 -31.70 -0.32 -8.62
C ILE A 12 -32.45 -0.97 -7.45
N GLN A 13 -33.24 -1.99 -7.77
CA GLN A 13 -33.88 -2.80 -6.74
C GLN A 13 -32.84 -3.55 -5.92
N PRO A 14 -33.17 -3.90 -4.66
CA PRO A 14 -32.32 -4.84 -3.92
C PRO A 14 -32.29 -6.20 -4.61
N GLY A 15 -31.12 -6.80 -4.64
CA GLY A 15 -30.92 -8.05 -5.36
C GLY A 15 -30.70 -7.90 -6.84
N GLY A 16 -30.67 -6.66 -7.35
CA GLY A 16 -30.44 -6.41 -8.75
C GLY A 16 -28.96 -6.36 -9.09
N SER A 17 -28.68 -5.97 -10.33
CA SER A 17 -27.32 -5.89 -10.84
C SER A 17 -26.97 -4.44 -11.19
N LEU A 18 -25.67 -4.17 -11.22
CA LEU A 18 -25.13 -2.86 -11.55
C LEU A 18 -23.64 -3.01 -11.81
N ARG A 19 -23.15 -2.36 -12.86
CA ARG A 19 -21.74 -2.43 -13.22
C ARG A 19 -21.21 -1.02 -13.44
N LEU A 20 -20.17 -0.66 -12.70
CA LEU A 20 -19.53 0.64 -12.81
C LEU A 20 -18.25 0.53 -13.63
N SER A 21 -17.97 1.57 -14.41
CA SER A 21 -16.77 1.64 -15.23
C SER A 21 -15.93 2.83 -14.80
N CYS A 22 -14.62 2.67 -14.82
CA CYS A 22 -13.68 3.72 -14.42
C CYS A 22 -12.70 3.96 -15.56
N ALA A 23 -12.84 5.09 -16.23
CA ALA A 23 -11.92 5.46 -17.30
C ALA A 23 -10.68 6.15 -16.69
N ALA A 24 -9.51 5.68 -17.09
CA ALA A 24 -8.25 6.17 -16.53
C ALA A 24 -7.41 6.82 -17.63
N SER A 25 -6.86 7.99 -17.33
CA SER A 25 -5.99 8.72 -18.24
C SER A 25 -4.88 9.37 -17.44
N GLY A 26 -3.68 9.38 -18.01
CA GLY A 26 -2.55 10.06 -17.39
C GLY A 26 -1.46 9.16 -16.86
N PHE A 27 -1.55 7.85 -17.03
CA PHE A 27 -0.52 6.94 -16.54
C PHE A 27 -0.64 5.61 -17.27
N THR A 28 0.44 4.84 -17.21
CA THR A 28 0.43 3.49 -17.78
C THR A 28 -0.51 2.63 -16.94
N PHE A 29 -1.71 2.40 -17.48
CA PHE A 29 -2.76 1.76 -16.69
C PHE A 29 -2.43 0.33 -16.30
N SER A 30 -1.70 -0.39 -17.15
CA SER A 30 -1.41 -1.79 -16.86
C SER A 30 -0.42 -1.95 -15.71
N ARG A 31 0.39 -0.94 -15.43
CA ARG A 31 1.45 -1.04 -14.44
C ARG A 31 0.98 -0.80 -13.02
N PHE A 32 -0.29 -0.50 -12.79
CA PHE A 32 -0.75 -0.06 -11.49
C PHE A 32 -1.90 -0.92 -10.99
N THR A 33 -2.05 -0.92 -9.67
CA THR A 33 -3.10 -1.67 -8.99
C THR A 33 -4.29 -0.76 -8.73
N MET A 34 -5.45 -1.13 -9.27
CA MET A 34 -6.66 -0.34 -9.13
C MET A 34 -7.56 -0.93 -8.05
N SER A 35 -8.38 -0.07 -7.45
CA SER A 35 -9.26 -0.50 -6.38
C SER A 35 -10.55 0.32 -6.43
N TRP A 36 -11.58 -0.19 -5.75
CA TRP A 36 -12.86 0.49 -5.62
C TRP A 36 -13.10 0.79 -4.15
N VAL A 37 -13.16 2.06 -3.80
CA VAL A 37 -13.45 2.50 -2.44
C VAL A 37 -14.81 3.20 -2.45
N ARG A 38 -15.75 2.68 -1.67
CA ARG A 38 -17.08 3.27 -1.60
C ARG A 38 -17.25 4.02 -0.28
N GLN A 39 -18.09 5.06 -0.33
CA GLN A 39 -18.31 5.93 0.83
C GLN A 39 -19.79 6.25 0.97
N PRO A 40 -20.45 5.73 2.01
CA PRO A 40 -21.86 6.06 2.24
C PRO A 40 -22.04 7.56 2.45
N PRO A 41 -23.24 8.08 2.21
CA PRO A 41 -23.45 9.53 2.36
C PRO A 41 -23.24 9.98 3.81
N GLY A 42 -22.27 10.86 4.00
CA GLY A 42 -21.99 11.39 5.31
C GLY A 42 -21.32 10.43 6.27
N LYS A 43 -20.49 9.52 5.75
CA LYS A 43 -19.76 8.58 6.58
C LYS A 43 -18.36 8.39 5.99
N GLY A 44 -17.59 7.50 6.61
CA GLY A 44 -16.23 7.26 6.19
C GLY A 44 -16.14 6.32 5.00
N PRO A 45 -14.99 6.30 4.35
CA PRO A 45 -14.81 5.44 3.16
C PRO A 45 -14.64 3.99 3.55
N GLU A 46 -14.92 3.11 2.59
CA GLU A 46 -14.75 1.67 2.76
C GLU A 46 -14.23 1.08 1.46
N TRP A 47 -13.28 0.16 1.58
CA TRP A 47 -12.65 -0.49 0.44
C TRP A 47 -13.48 -1.68 0.00
N VAL A 48 -13.94 -1.66 -1.26
CA VAL A 48 -14.81 -2.70 -1.78
C VAL A 48 -13.97 -3.82 -2.38
N SER A 49 -13.14 -3.50 -3.37
CA SER A 49 -12.39 -4.51 -4.09
C SER A 49 -11.09 -3.91 -4.62
N GLY A 50 -10.29 -4.76 -5.24
CA GLY A 50 -9.04 -4.34 -5.85
C GLY A 50 -8.60 -5.37 -6.86
N ILE A 51 -7.73 -4.95 -7.77
CA ILE A 51 -7.29 -5.82 -8.86
C ILE A 51 -5.85 -5.47 -9.21
N SER A 52 -5.04 -6.50 -9.45
CA SER A 52 -3.63 -6.32 -9.77
C SER A 52 -3.48 -5.65 -11.14
N GLY A 53 -2.23 -5.27 -11.45
CA GLY A 53 -1.98 -4.56 -12.69
C GLY A 53 -2.34 -5.38 -13.92
N SER A 54 -1.92 -6.64 -13.93
CA SER A 54 -2.25 -7.54 -15.04
C SER A 54 -3.64 -8.16 -14.90
N GLY A 55 -4.34 -7.91 -13.80
CA GLY A 55 -5.61 -8.55 -13.55
C GLY A 55 -5.52 -9.98 -13.09
N GLY A 56 -4.33 -10.48 -12.79
CA GLY A 56 -4.19 -11.85 -12.37
C GLY A 56 -4.72 -12.10 -10.96
N HIS A 57 -4.55 -11.12 -10.07
CA HIS A 57 -4.99 -11.23 -8.69
C HIS A 57 -6.10 -10.22 -8.42
N THR A 58 -7.22 -10.71 -7.92
CA THR A 58 -8.35 -9.87 -7.52
C THR A 58 -8.56 -10.02 -6.02
N TYR A 59 -8.72 -8.90 -5.32
CA TYR A 59 -8.89 -8.88 -3.87
C TYR A 59 -10.23 -8.23 -3.55
N TYR A 60 -11.08 -8.94 -2.81
CA TYR A 60 -12.37 -8.42 -2.39
C TYR A 60 -12.41 -8.27 -0.87
N ALA A 61 -13.40 -7.51 -0.41
CA ALA A 61 -13.67 -7.36 1.01
C ALA A 61 -14.78 -8.31 1.43
N ASP A 62 -14.75 -8.72 2.69
CA ASP A 62 -15.70 -9.71 3.19
C ASP A 62 -17.15 -9.24 3.09
N SER A 63 -17.38 -7.92 3.08
CA SER A 63 -18.74 -7.42 3.02
C SER A 63 -19.37 -7.65 1.65
N VAL A 64 -18.56 -7.68 0.60
CA VAL A 64 -19.04 -7.86 -0.76
C VAL A 64 -18.53 -9.14 -1.39
N LYS A 65 -17.93 -10.03 -0.60
CA LYS A 65 -17.42 -11.29 -1.14
C LYS A 65 -18.58 -12.16 -1.61
N GLY A 66 -18.46 -12.67 -2.83
CA GLY A 66 -19.51 -13.47 -3.43
C GLY A 66 -20.58 -12.69 -4.17
N ARG A 67 -20.60 -11.37 -4.02
CA ARG A 67 -21.59 -10.52 -4.68
C ARG A 67 -20.99 -9.55 -5.68
N PHE A 68 -19.79 -9.04 -5.42
CA PHE A 68 -19.11 -8.13 -6.34
C PHE A 68 -18.01 -8.86 -7.08
N THR A 69 -17.71 -8.37 -8.29
CA THR A 69 -16.68 -8.97 -9.14
C THR A 69 -15.95 -7.86 -9.87
N ILE A 70 -14.65 -7.72 -9.60
CA ILE A 70 -13.84 -6.69 -10.22
C ILE A 70 -13.16 -7.27 -11.45
N SER A 71 -13.05 -6.45 -12.50
CA SER A 71 -12.39 -6.83 -13.73
C SER A 71 -11.64 -5.62 -14.27
N ARG A 72 -10.96 -5.81 -15.39
CA ARG A 72 -10.06 -4.78 -15.91
C ARG A 72 -9.77 -5.04 -17.37
N ASP A 73 -9.74 -3.96 -18.16
CA ASP A 73 -9.41 -4.01 -19.59
C ASP A 73 -8.25 -3.04 -19.79
N ASN A 74 -7.03 -3.56 -19.77
CA ASN A 74 -5.85 -2.71 -19.90
C ASN A 74 -5.73 -2.09 -21.29
N SER A 75 -6.34 -2.70 -22.31
CA SER A 75 -6.28 -2.11 -23.64
C SER A 75 -7.17 -0.87 -23.75
N LYS A 76 -8.31 -0.88 -23.07
CA LYS A 76 -9.22 0.25 -23.05
C LYS A 76 -8.91 1.24 -21.93
N ASN A 77 -7.91 0.95 -21.10
CA ASN A 77 -7.54 1.79 -19.95
C ASN A 77 -8.76 2.04 -19.05
N THR A 78 -9.44 0.95 -18.70
CA THR A 78 -10.69 1.04 -17.98
C THR A 78 -10.76 -0.04 -16.89
N LEU A 79 -11.39 0.31 -15.78
CA LEU A 79 -11.61 -0.58 -14.65
C LEU A 79 -13.10 -0.79 -14.46
N TYR A 80 -13.49 -2.01 -14.11
CA TYR A 80 -14.89 -2.39 -13.97
C TYR A 80 -15.18 -2.90 -12.56
N LEU A 81 -16.46 -3.01 -12.26
CA LEU A 81 -16.92 -3.59 -10.99
C LEU A 81 -18.35 -4.08 -11.20
N GLN A 82 -18.52 -5.39 -11.27
CA GLN A 82 -19.83 -6.00 -11.47
C GLN A 82 -20.46 -6.29 -10.11
N MET A 83 -21.56 -5.61 -9.82
CA MET A 83 -22.26 -5.74 -8.54
C MET A 83 -23.51 -6.60 -8.74
N ASN A 84 -23.59 -7.70 -8.00
CA ASN A 84 -24.75 -8.59 -8.05
C ASN A 84 -25.31 -8.77 -6.65
N SER A 85 -26.60 -9.10 -6.60
CA SER A 85 -27.32 -9.35 -5.34
C SER A 85 -27.14 -8.16 -4.39
N LEU A 86 -27.50 -6.99 -4.88
CA LEU A 86 -27.28 -5.76 -4.13
C LEU A 86 -28.18 -5.69 -2.90
N LYS A 87 -27.60 -5.24 -1.79
CA LYS A 87 -28.32 -5.00 -0.56
C LYS A 87 -28.52 -3.50 -0.35
N ALA A 88 -29.48 -3.17 0.50
CA ALA A 88 -29.74 -1.75 0.80
C ALA A 88 -28.56 -1.09 1.48
N GLU A 89 -27.63 -1.87 2.04
CA GLU A 89 -26.47 -1.28 2.69
C GLU A 89 -25.46 -0.76 1.67
N ASP A 90 -25.42 -1.34 0.48
CA ASP A 90 -24.43 -0.98 -0.53
C ASP A 90 -24.63 0.43 -1.08
N THR A 91 -25.74 1.09 -0.75
CA THR A 91 -26.01 2.44 -1.25
C THR A 91 -24.92 3.41 -0.77
N ALA A 92 -24.08 3.86 -1.69
CA ALA A 92 -22.95 4.71 -1.34
C ALA A 92 -22.36 5.31 -2.60
N VAL A 93 -21.56 6.37 -2.42
CA VAL A 93 -20.72 6.88 -3.49
C VAL A 93 -19.56 5.92 -3.69
N TYR A 94 -19.27 5.59 -4.95
CA TYR A 94 -18.22 4.63 -5.29
C TYR A 94 -17.08 5.36 -5.96
N TYR A 95 -15.92 5.40 -5.30
CA TYR A 95 -14.73 6.03 -5.85
C TYR A 95 -13.88 5.00 -6.58
N CYS A 96 -13.07 5.50 -7.51
CA CYS A 96 -12.10 4.69 -8.25
C CYS A 96 -10.70 5.19 -7.91
N ALA A 97 -9.88 4.33 -7.32
CA ALA A 97 -8.61 4.72 -6.77
C ALA A 97 -7.47 3.95 -7.43
N LYS A 98 -6.39 4.66 -7.73
CA LYS A 98 -5.17 4.08 -8.28
C LYS A 98 -4.09 4.07 -7.21
N ASP A 99 -3.34 2.97 -7.14
CA ASP A 99 -2.20 2.89 -6.24
C ASP A 99 -1.19 3.97 -6.60
N GLY A 100 -0.81 4.78 -5.61
CA GLY A 100 0.05 5.92 -5.86
C GLY A 100 1.54 5.68 -5.77
N PHE A 101 1.95 4.48 -5.37
CA PHE A 101 3.37 4.21 -5.17
C PHE A 101 4.08 4.02 -6.50
N VAL A 102 5.27 4.60 -6.62
CA VAL A 102 6.11 4.47 -7.80
C VAL A 102 7.56 4.29 -7.34
N GLY A 103 8.21 3.26 -7.85
CA GLY A 103 9.59 3.00 -7.50
C GLY A 103 9.90 1.51 -7.58
N GLN A 104 11.18 1.21 -7.41
CA GLN A 104 11.69 -0.17 -7.45
C GLN A 104 12.12 -0.55 -6.04
N GLN A 105 11.17 -1.03 -5.26
CA GLN A 105 11.44 -1.57 -3.93
C GLN A 105 11.06 -3.05 -3.89
N LEU A 106 11.57 -3.75 -2.88
CA LEU A 106 11.25 -5.16 -2.69
C LEU A 106 10.04 -5.35 -1.78
N MET A 107 9.94 -4.58 -0.72
CA MET A 107 8.81 -4.65 0.21
C MET A 107 8.33 -3.25 0.53
N ARG A 108 7.02 -3.11 0.71
CA ARG A 108 6.41 -1.84 1.06
C ARG A 108 5.76 -1.97 2.43
N ARG A 109 6.12 -1.06 3.34
CA ARG A 109 5.48 -1.05 4.65
C ARG A 109 3.98 -0.81 4.53
N GLY A 110 3.56 -0.05 3.52
CA GLY A 110 2.17 0.10 3.20
C GLY A 110 1.92 -0.26 1.75
N PRO A 111 1.59 -1.52 1.49
CA PRO A 111 1.41 -1.97 0.10
C PRO A 111 0.19 -1.37 -0.58
N TRP A 112 -0.72 -0.73 0.17
CA TRP A 112 -1.95 -0.19 -0.39
C TRP A 112 -2.15 1.24 0.10
N TRP A 113 -2.01 2.20 -0.81
CA TRP A 113 -2.43 3.57 -0.55
C TRP A 113 -2.76 4.21 -1.89
N PHE A 114 -3.66 5.20 -1.87
CA PHE A 114 -4.34 5.66 -3.06
C PHE A 114 -3.91 7.08 -3.42
N ASP A 115 -3.68 7.30 -4.72
CA ASP A 115 -3.32 8.59 -5.29
C ASP A 115 -3.37 8.50 -6.81
N PRO A 116 -4.34 9.14 -7.47
CA PRO A 116 -5.40 9.92 -6.84
C PRO A 116 -6.73 9.19 -6.75
N TRP A 117 -7.73 9.84 -6.20
CA TRP A 117 -9.10 9.34 -6.22
C TRP A 117 -9.85 9.91 -7.41
N GLY A 118 -10.94 9.23 -7.78
CA GLY A 118 -11.78 9.75 -8.84
C GLY A 118 -12.68 10.86 -8.34
N GLN A 119 -13.92 10.91 -8.82
CA GLN A 119 -14.91 11.85 -8.30
C GLN A 119 -16.17 11.14 -7.84
N GLY A 120 -16.16 9.82 -7.79
CA GLY A 120 -17.26 9.06 -7.26
C GLY A 120 -18.41 8.90 -8.25
N THR A 121 -19.21 7.87 -8.00
CA THR A 121 -20.43 7.62 -8.77
C THR A 121 -21.51 7.15 -7.82
N LEU A 122 -22.67 7.80 -7.86
CA LEU A 122 -23.73 7.55 -6.89
C LEU A 122 -24.50 6.29 -7.25
N VAL A 123 -24.63 5.40 -6.28
CA VAL A 123 -25.40 4.16 -6.42
C VAL A 123 -26.39 4.10 -5.27
N THR A 124 -27.68 4.02 -5.60
CA THR A 124 -28.75 3.94 -4.61
C THR A 124 -29.47 2.62 -4.79
N VAL A 125 -29.34 1.74 -3.79
CA VAL A 125 -30.10 0.49 -3.74
C VAL A 125 -31.36 0.76 -2.92
N SER A 126 -32.50 0.85 -3.61
CA SER A 126 -33.75 1.17 -2.94
C SER A 126 -34.91 0.53 -3.70
N SER A 127 -36.04 0.38 -3.01
CA SER A 127 -37.25 -0.16 -3.60
C SER A 127 -38.22 0.94 -4.00
N ALA A 128 -37.81 2.20 -3.93
CA ALA A 128 -38.70 3.33 -4.24
C ALA A 128 -38.60 3.68 -5.71
N SER A 129 -39.75 3.83 -6.36
CA SER A 129 -39.76 4.18 -7.77
C SER A 129 -39.22 5.59 -7.97
N THR A 130 -38.55 5.81 -9.10
CA THR A 130 -37.98 7.11 -9.39
C THR A 130 -39.08 8.10 -9.80
N LYS A 131 -38.82 9.37 -9.54
CA LYS A 131 -39.74 10.45 -9.87
C LYS A 131 -39.00 11.52 -10.65
N GLY A 132 -39.61 11.98 -11.74
CA GLY A 132 -39.03 13.00 -12.58
C GLY A 132 -39.25 14.39 -12.00
N PRO A 133 -38.20 15.21 -12.05
CA PRO A 133 -38.31 16.59 -11.51
C PRO A 133 -39.14 17.50 -12.40
N SER A 134 -39.33 18.73 -11.93
CA SER A 134 -39.99 19.79 -12.70
C SER A 134 -39.08 21.01 -12.70
N VAL A 135 -38.74 21.49 -13.90
CA VAL A 135 -37.80 22.60 -14.05
C VAL A 135 -38.63 23.88 -14.21
N PHE A 136 -38.54 24.76 -13.21
CA PHE A 136 -39.21 26.05 -13.22
C PHE A 136 -38.19 27.18 -13.16
N PRO A 137 -38.44 28.30 -13.82
CA PRO A 137 -37.46 29.39 -13.85
C PRO A 137 -37.63 30.38 -12.71
N LEU A 138 -36.49 30.88 -12.23
CA LEU A 138 -36.45 31.93 -11.21
C LEU A 138 -36.04 33.22 -11.91
N ALA A 139 -37.03 34.04 -12.26
CA ALA A 139 -36.79 35.23 -13.06
C ALA A 139 -36.25 36.37 -12.20
N PRO A 140 -35.35 37.20 -12.75
CA PRO A 140 -34.81 38.36 -12.05
C PRO A 140 -35.76 39.56 -12.07
N ALA A 151 -29.73 38.82 -10.14
CA ALA A 151 -29.55 37.38 -10.01
C ALA A 151 -30.78 36.62 -10.50
N LEU A 152 -30.56 35.41 -11.01
CA LEU A 152 -31.63 34.59 -11.56
C LEU A 152 -31.25 33.13 -11.42
N GLY A 153 -32.27 32.27 -11.34
CA GLY A 153 -32.02 30.86 -11.12
C GLY A 153 -33.02 29.91 -11.76
N CYS A 154 -32.95 28.64 -11.38
CA CYS A 154 -33.84 27.60 -11.88
C CYS A 154 -34.25 26.71 -10.71
N LEU A 155 -35.51 26.28 -10.72
CA LEU A 155 -36.04 25.40 -9.69
C LEU A 155 -36.15 23.97 -10.21
N VAL A 156 -35.88 23.01 -9.35
CA VAL A 156 -35.92 21.59 -9.69
C VAL A 156 -36.79 20.91 -8.63
N LYS A 157 -38.09 20.81 -8.89
CA LYS A 157 -39.06 20.44 -7.87
C LYS A 157 -39.40 18.95 -7.94
N ASP A 158 -39.34 18.29 -6.79
CA ASP A 158 -39.93 16.97 -6.55
C ASP A 158 -39.31 15.91 -7.49
N TYR A 159 -38.09 15.53 -7.16
CA TYR A 159 -37.41 14.46 -7.89
C TYR A 159 -36.88 13.44 -6.89
N PHE A 160 -36.63 12.23 -7.40
CA PHE A 160 -36.01 11.16 -6.64
C PHE A 160 -35.39 10.18 -7.63
N PRO A 161 -34.19 9.67 -7.37
CA PRO A 161 -33.33 10.02 -6.24
C PRO A 161 -32.20 10.96 -6.64
N GLU A 162 -31.32 11.28 -5.69
CA GLU A 162 -30.13 12.04 -6.02
C GLU A 162 -29.26 11.24 -7.00
N PRO A 163 -28.49 11.92 -7.86
CA PRO A 163 -28.36 13.37 -8.00
C PRO A 163 -28.97 13.95 -9.28
N VAL A 164 -28.96 15.28 -9.39
CA VAL A 164 -29.24 15.96 -10.63
C VAL A 164 -28.18 17.04 -10.84
N THR A 165 -27.89 17.34 -12.10
CA THR A 165 -26.89 18.33 -12.45
C THR A 165 -27.57 19.51 -13.17
N VAL A 166 -27.03 20.70 -12.95
CA VAL A 166 -27.52 21.93 -13.56
C VAL A 166 -26.33 22.73 -14.06
N SER A 167 -26.47 23.32 -15.24
CA SER A 167 -25.42 24.13 -15.83
C SER A 167 -26.07 25.29 -16.59
N TRP A 168 -25.48 26.47 -16.48
CA TRP A 168 -26.00 27.67 -17.11
C TRP A 168 -25.23 27.96 -18.39
N ASN A 169 -25.97 28.20 -19.48
CA ASN A 169 -25.40 28.55 -20.78
C ASN A 169 -24.51 27.44 -21.33
N SER A 170 -24.84 26.18 -21.01
CA SER A 170 -24.18 25.01 -21.60
C SER A 170 -22.67 25.03 -21.37
N GLY A 171 -22.26 25.46 -20.18
CA GLY A 171 -20.85 25.53 -19.86
C GLY A 171 -20.16 26.83 -20.21
N ALA A 172 -20.80 27.68 -21.02
CA ALA A 172 -20.26 29.00 -21.34
C ALA A 172 -20.52 30.04 -20.26
N LEU A 173 -20.77 29.60 -19.02
CA LEU A 173 -21.07 30.53 -17.94
C LEU A 173 -20.94 29.73 -16.64
N THR A 174 -19.77 29.85 -15.99
CA THR A 174 -19.51 29.22 -14.72
C THR A 174 -19.22 30.20 -13.59
N SER A 175 -18.83 31.43 -13.90
CA SER A 175 -18.50 32.40 -12.86
C SER A 175 -19.76 32.89 -12.16
N GLY A 176 -19.74 32.86 -10.84
CA GLY A 176 -20.86 33.37 -10.06
C GLY A 176 -22.10 32.48 -10.07
N VAL A 177 -21.96 31.20 -10.37
CA VAL A 177 -23.07 30.26 -10.38
C VAL A 177 -22.95 29.41 -9.13
N HIS A 178 -23.77 29.71 -8.13
CA HIS A 178 -23.75 29.02 -6.84
C HIS A 178 -24.94 28.08 -6.77
N THR A 179 -24.71 26.80 -7.06
CA THR A 179 -25.75 25.79 -6.98
C THR A 179 -25.89 25.33 -5.53
N PHE A 180 -27.10 25.48 -4.97
CA PHE A 180 -27.29 25.12 -3.57
C PHE A 180 -27.68 23.66 -3.43
N PRO A 181 -27.29 23.02 -2.32
CA PRO A 181 -27.65 21.62 -2.11
C PRO A 181 -29.16 21.41 -2.04
N ALA A 182 -29.56 20.17 -2.27
CA ALA A 182 -30.98 19.83 -2.27
C ALA A 182 -31.47 19.61 -0.84
N VAL A 183 -32.79 19.76 -0.67
CA VAL A 183 -33.45 19.49 0.60
C VAL A 183 -34.37 18.30 0.41
N LEU A 184 -34.34 17.37 1.37
CA LEU A 184 -35.20 16.19 1.34
C LEU A 184 -36.54 16.56 1.97
N GLN A 185 -37.58 16.67 1.14
CA GLN A 185 -38.90 17.01 1.62
C GLN A 185 -39.46 15.88 2.48
N SER A 186 -40.63 16.15 3.09
CA SER A 186 -41.21 15.20 4.03
C SER A 186 -41.66 13.92 3.33
N SER A 187 -41.97 13.99 2.04
CA SER A 187 -42.45 12.82 1.30
C SER A 187 -41.33 11.93 0.81
N GLY A 188 -40.08 12.38 0.86
CA GLY A 188 -38.96 11.62 0.37
C GLY A 188 -38.46 12.03 -1.01
N LEU A 189 -39.06 13.05 -1.60
CA LEU A 189 -38.64 13.55 -2.91
C LEU A 189 -37.79 14.80 -2.73
N TYR A 190 -36.66 14.84 -3.43
CA TYR A 190 -35.72 15.95 -3.29
C TYR A 190 -36.16 17.16 -4.12
N SER A 191 -35.49 18.28 -3.88
CA SER A 191 -35.71 19.51 -4.62
C SER A 191 -34.56 20.45 -4.36
N LEU A 192 -34.05 21.08 -5.42
CA LEU A 192 -32.94 22.02 -5.28
C LEU A 192 -33.11 23.14 -6.30
N SER A 193 -32.29 24.18 -6.14
CA SER A 193 -32.29 25.31 -7.05
C SER A 193 -30.87 25.88 -7.13
N SER A 194 -30.44 26.21 -8.34
CA SER A 194 -29.18 26.89 -8.59
C SER A 194 -29.46 28.32 -8.98
N VAL A 195 -28.47 29.19 -8.74
CA VAL A 195 -28.63 30.62 -8.99
C VAL A 195 -27.30 31.19 -9.48
N VAL A 196 -27.38 32.22 -10.31
CA VAL A 196 -26.20 32.93 -10.82
C VAL A 196 -26.52 34.41 -10.85
N THR A 197 -25.60 35.23 -10.37
CA THR A 197 -25.80 36.67 -10.29
C THR A 197 -25.26 37.32 -11.57
N VAL A 198 -26.13 38.00 -12.31
CA VAL A 198 -25.74 38.68 -13.54
C VAL A 198 -26.01 40.17 -13.39
N PRO A 199 -25.28 41.04 -14.10
CA PRO A 199 -25.57 42.47 -14.00
C PRO A 199 -26.83 42.83 -14.78
N SER A 200 -27.46 43.94 -14.37
CA SER A 200 -28.64 44.46 -15.04
C SER A 200 -28.29 45.20 -16.33
N SER A 201 -27.04 45.11 -16.79
CA SER A 201 -26.60 45.76 -18.02
C SER A 201 -26.49 44.79 -19.19
N SER A 202 -27.10 43.61 -19.08
CA SER A 202 -27.05 42.62 -20.15
C SER A 202 -28.22 41.65 -20.03
N LEU A 203 -29.36 42.13 -19.53
CA LEU A 203 -30.51 41.26 -19.35
C LEU A 203 -31.27 41.05 -20.66
N GLY A 204 -31.64 42.15 -21.33
CA GLY A 204 -32.42 42.05 -22.55
C GLY A 204 -31.62 41.68 -23.78
N THR A 205 -30.43 41.10 -23.58
CA THR A 205 -29.59 40.69 -24.69
C THR A 205 -29.12 39.26 -24.52
N GLN A 206 -28.42 38.99 -23.41
CA GLN A 206 -27.89 37.65 -23.16
C GLN A 206 -29.02 36.70 -22.77
N THR A 207 -29.21 35.66 -23.57
CA THR A 207 -30.22 34.64 -23.28
C THR A 207 -29.64 33.63 -22.29
N TYR A 208 -30.32 33.46 -21.17
CA TYR A 208 -29.86 32.59 -20.09
C TYR A 208 -30.72 31.34 -20.04
N ILE A 209 -30.08 30.18 -20.15
CA ILE A 209 -30.76 28.88 -20.11
C ILE A 209 -30.02 27.99 -19.13
N CYS A 210 -30.79 27.33 -18.25
CA CYS A 210 -30.23 26.35 -17.33
C CYS A 210 -30.44 24.95 -17.91
N ASN A 211 -29.37 24.16 -17.91
CA ASN A 211 -29.40 22.81 -18.49
C ASN A 211 -29.44 21.81 -17.33
N VAL A 212 -30.65 21.44 -16.94
CA VAL A 212 -30.86 20.47 -15.88
C VAL A 212 -30.81 19.07 -16.46
N ASN A 213 -30.26 18.12 -15.69
CA ASN A 213 -30.12 16.75 -16.14
C ASN A 213 -30.28 15.82 -14.94
N HIS A 214 -31.17 14.85 -15.04
CA HIS A 214 -31.47 13.92 -13.95
C HIS A 214 -31.51 12.53 -14.55
N LYS A 215 -30.43 11.78 -14.36
CA LYS A 215 -30.28 10.48 -15.04
C LYS A 215 -31.37 9.49 -14.68
N PRO A 216 -31.66 9.19 -13.42
CA PRO A 216 -32.48 8.00 -13.12
C PRO A 216 -33.87 8.00 -13.72
N SER A 217 -34.44 9.16 -14.08
CA SER A 217 -35.74 9.20 -14.71
C SER A 217 -35.68 9.65 -16.17
N ASN A 218 -34.47 9.73 -16.74
CA ASN A 218 -34.25 10.21 -18.11
C ASN A 218 -34.94 11.54 -18.35
N THR A 219 -34.61 12.52 -17.51
CA THR A 219 -35.12 13.87 -17.67
C THR A 219 -33.95 14.79 -18.01
N LYS A 220 -34.01 15.40 -19.19
CA LYS A 220 -33.03 16.40 -19.61
C LYS A 220 -33.81 17.60 -20.12
N VAL A 221 -33.66 18.74 -19.43
CA VAL A 221 -34.47 19.92 -19.69
C VAL A 221 -33.55 21.13 -19.77
N ASP A 222 -33.75 21.95 -20.80
CA ASP A 222 -33.10 23.25 -20.93
C ASP A 222 -34.19 24.31 -20.80
N LYS A 223 -34.15 25.06 -19.69
CA LYS A 223 -35.16 26.05 -19.38
C LYS A 223 -34.55 27.45 -19.48
N LYS A 224 -35.06 28.25 -20.40
CA LYS A 224 -34.63 29.64 -20.53
C LYS A 224 -35.27 30.48 -19.43
N VAL A 225 -34.49 31.41 -18.89
CA VAL A 225 -34.93 32.26 -17.78
C VAL A 225 -34.93 33.70 -18.26
N GLU A 226 -36.12 34.28 -18.43
CA GLU A 226 -36.30 35.65 -18.82
C GLU A 226 -37.14 36.39 -17.78
N PRO A 227 -36.98 37.70 -17.65
CA PRO A 227 -37.84 38.45 -16.72
C PRO A 227 -39.30 38.36 -17.12
N LYS A 228 -40.16 38.39 -16.10
CA LYS A 228 -41.60 38.28 -16.32
C LYS A 228 -42.20 39.63 -16.67
N SER B 1 -11.27 -6.89 9.88
CA SER B 1 -10.78 -7.51 11.09
C SER B 1 -10.02 -6.53 11.96
N TYR B 2 -9.01 -5.88 11.39
CA TYR B 2 -8.26 -4.87 12.12
C TYR B 2 -9.10 -3.61 12.32
N VAL B 3 -8.82 -2.89 13.39
CA VAL B 3 -9.66 -1.78 13.83
C VAL B 3 -8.81 -0.52 13.99
N LEU B 4 -9.21 0.54 13.29
CA LEU B 4 -8.62 1.87 13.44
C LEU B 4 -9.64 2.77 14.13
N THR B 5 -9.21 3.45 15.19
CA THR B 5 -10.07 4.32 15.98
C THR B 5 -9.59 5.75 15.87
N GLN B 6 -10.48 6.65 15.46
CA GLN B 6 -10.16 8.07 15.34
C GLN B 6 -11.12 8.89 16.19
N PRO B 7 -10.62 9.90 16.90
CA PRO B 7 -11.51 10.82 17.62
C PRO B 7 -12.43 11.55 16.66
N PRO B 8 -13.70 11.75 17.03
CA PRO B 8 -14.67 12.29 16.07
C PRO B 8 -14.33 13.69 15.55
N SER B 9 -13.81 14.56 16.41
CA SER B 9 -13.57 15.94 16.00
C SER B 9 -12.37 16.50 16.76
N VAL B 10 -11.74 17.50 16.13
CA VAL B 10 -10.60 18.21 16.70
C VAL B 10 -10.75 19.69 16.39
N SER B 11 -10.49 20.53 17.39
CA SER B 11 -10.57 21.98 17.23
C SER B 11 -9.22 22.59 17.60
N VAL B 12 -8.68 23.42 16.71
CA VAL B 12 -7.41 24.08 16.93
C VAL B 12 -7.52 25.55 16.52
N ALA B 13 -6.75 26.39 17.20
CA ALA B 13 -6.70 27.80 16.87
C ALA B 13 -5.74 28.05 15.71
N PRO B 14 -5.98 29.07 14.89
CA PRO B 14 -5.10 29.33 13.75
C PRO B 14 -3.68 29.65 14.19
N GLY B 15 -2.72 29.26 13.34
CA GLY B 15 -1.31 29.42 13.60
C GLY B 15 -0.70 28.37 14.50
N GLN B 16 -1.49 27.73 15.37
CA GLN B 16 -1.00 26.72 16.28
C GLN B 16 -0.80 25.40 15.53
N THR B 17 -0.56 24.33 16.28
CA THR B 17 -0.42 22.99 15.73
C THR B 17 -1.66 22.16 16.05
N ALA B 18 -2.03 21.28 15.13
CA ALA B 18 -3.15 20.37 15.31
C ALA B 18 -2.66 18.94 15.11
N ARG B 19 -2.90 18.10 16.12
CA ARG B 19 -2.44 16.72 16.11
C ARG B 19 -3.64 15.79 16.08
N ILE B 20 -3.74 14.98 15.02
CA ILE B 20 -4.86 14.07 14.83
C ILE B 20 -4.40 12.67 15.18
N SER B 21 -5.05 12.07 16.19
CA SER B 21 -4.66 10.75 16.66
C SER B 21 -5.35 9.66 15.83
N CYS B 22 -4.57 8.63 15.49
CA CYS B 22 -5.09 7.43 14.83
C CYS B 22 -4.65 6.23 15.66
N GLY B 23 -5.59 5.61 16.35
CA GLY B 23 -5.30 4.51 17.27
C GLY B 23 -5.50 3.16 16.61
N GLY B 24 -4.62 2.22 16.94
CA GLY B 24 -4.71 0.88 16.40
C GLY B 24 -3.84 -0.07 17.19
N ASN B 25 -4.30 -1.32 17.30
CA ASN B 25 -3.58 -2.33 18.06
C ASN B 25 -2.20 -2.57 17.47
N ASN B 26 -1.15 -2.12 18.17
CA ASN B 26 0.23 -2.26 17.72
C ASN B 26 0.41 -1.66 16.33
N ILE B 27 -0.06 -0.43 16.17
CA ILE B 27 -0.04 0.24 14.88
C ILE B 27 1.36 0.59 14.41
N GLY B 28 2.37 0.46 15.28
CA GLY B 28 3.72 0.75 14.86
C GLY B 28 4.22 -0.20 13.79
N ASN B 29 3.79 -1.46 13.86
CA ASN B 29 4.17 -2.46 12.87
C ASN B 29 3.40 -2.32 11.56
N LYS B 30 2.71 -1.20 11.35
CA LYS B 30 1.86 -1.02 10.19
C LYS B 30 2.13 0.34 9.55
N GLY B 31 2.02 0.37 8.22
CA GLY B 31 2.17 1.61 7.49
C GLY B 31 0.87 2.39 7.44
N VAL B 32 0.88 3.58 8.02
CA VAL B 32 -0.31 4.42 8.13
C VAL B 32 -0.29 5.48 7.04
N HIS B 33 -1.45 5.68 6.40
CA HIS B 33 -1.62 6.68 5.36
C HIS B 33 -2.72 7.64 5.77
N TRP B 34 -2.68 8.85 5.20
CA TRP B 34 -3.58 9.92 5.60
C TRP B 34 -4.25 10.53 4.38
N TYR B 35 -5.56 10.76 4.48
CA TYR B 35 -6.35 11.32 3.40
C TYR B 35 -7.19 12.48 3.93
N GLN B 36 -7.11 13.62 3.24
CA GLN B 36 -7.88 14.81 3.58
C GLN B 36 -9.03 14.96 2.58
N GLN B 37 -10.24 15.18 3.09
CA GLN B 37 -11.44 15.29 2.26
C GLN B 37 -12.20 16.54 2.64
N LYS B 38 -12.12 17.56 1.79
CA LYS B 38 -12.92 18.77 1.96
C LYS B 38 -14.33 18.55 1.42
N PRO B 39 -15.30 19.35 1.84
CA PRO B 39 -16.69 19.11 1.42
C PRO B 39 -16.85 19.15 -0.09
N GLY B 40 -17.61 18.19 -0.61
CA GLY B 40 -17.87 18.11 -2.03
C GLY B 40 -16.68 17.72 -2.88
N GLN B 41 -15.58 17.28 -2.28
CA GLN B 41 -14.37 16.93 -3.00
C GLN B 41 -13.97 15.49 -2.69
N ALA B 42 -13.17 14.92 -3.58
CA ALA B 42 -12.62 13.60 -3.36
C ALA B 42 -11.49 13.67 -2.34
N PRO B 43 -11.25 12.58 -1.61
CA PRO B 43 -10.14 12.57 -0.64
C PRO B 43 -8.79 12.68 -1.33
N VAL B 44 -7.97 13.60 -0.83
CA VAL B 44 -6.61 13.80 -1.33
C VAL B 44 -5.64 13.25 -0.28
N VAL B 45 -4.55 12.65 -0.75
CA VAL B 45 -3.55 12.05 0.13
C VAL B 45 -2.57 13.13 0.58
N VAL B 46 -2.33 13.20 1.88
CA VAL B 46 -1.41 14.17 2.45
C VAL B 46 -0.22 13.54 3.15
N VAL B 47 -0.26 12.23 3.44
CA VAL B 47 0.85 11.54 4.07
C VAL B 47 0.72 10.06 3.78
N TYR B 48 1.83 9.42 3.46
CA TYR B 48 1.86 8.00 3.16
C TYR B 48 3.13 7.38 3.73
N ASP B 49 3.06 6.08 4.00
CA ASP B 49 4.15 5.33 4.61
C ASP B 49 4.64 6.03 5.88
N ASP B 50 3.68 6.25 6.79
CA ASP B 50 3.93 6.85 8.11
C ASP B 50 4.31 8.32 8.04
N SER B 51 5.37 8.66 7.30
CA SER B 51 5.94 10.00 7.37
C SER B 51 6.21 10.66 6.03
N ASP B 52 6.14 9.94 4.91
CA ASP B 52 6.45 10.53 3.61
C ASP B 52 5.31 11.41 3.12
N ARG B 53 5.66 12.58 2.60
CA ARG B 53 4.68 13.53 2.08
C ARG B 53 4.65 13.51 0.57
N PRO B 54 3.47 13.53 -0.04
CA PRO B 54 3.37 13.52 -1.50
C PRO B 54 3.86 14.84 -2.09
N SER B 55 4.16 14.79 -3.38
CA SER B 55 4.62 15.98 -4.09
C SER B 55 3.48 17.00 -4.17
N GLY B 56 3.80 18.25 -3.84
CA GLY B 56 2.81 19.31 -3.82
C GLY B 56 2.10 19.52 -2.50
N ILE B 57 2.26 18.59 -1.56
CA ILE B 57 1.65 18.71 -0.23
C ILE B 57 2.48 19.67 0.59
N PRO B 58 1.85 20.61 1.32
CA PRO B 58 2.62 21.56 2.13
C PRO B 58 3.50 20.84 3.14
N GLU B 59 4.69 21.39 3.36
CA GLU B 59 5.66 20.76 4.26
C GLU B 59 5.20 20.78 5.71
N ARG B 60 4.27 21.67 6.07
CA ARG B 60 3.76 21.71 7.43
C ARG B 60 2.93 20.49 7.79
N PHE B 61 2.59 19.66 6.81
CA PHE B 61 1.91 18.39 7.07
C PHE B 61 2.96 17.30 7.30
N SER B 62 2.95 16.69 8.49
CA SER B 62 3.92 15.67 8.83
C SER B 62 3.23 14.56 9.60
N GLY B 63 3.60 13.32 9.30
CA GLY B 63 3.05 12.15 9.98
C GLY B 63 4.13 11.43 10.77
N SER B 64 3.72 10.86 11.90
CA SER B 64 4.61 10.10 12.77
C SER B 64 3.89 8.87 13.30
N ASN B 65 4.61 7.76 13.40
CA ASN B 65 4.04 6.48 13.81
C ASN B 65 4.99 5.84 14.80
N SER B 66 4.47 5.51 15.98
CA SER B 66 5.29 4.89 17.02
C SER B 66 4.37 4.33 18.08
N GLY B 67 4.39 3.02 18.25
CA GLY B 67 3.64 2.39 19.32
C GLY B 67 2.23 2.01 18.87
N ASN B 68 1.25 2.37 19.69
CA ASN B 68 -0.15 2.05 19.42
C ASN B 68 -0.92 3.23 18.84
N THR B 69 -0.23 4.29 18.42
CA THR B 69 -0.91 5.48 17.93
C THR B 69 0.00 6.24 16.97
N ALA B 70 -0.53 6.55 15.79
CA ALA B 70 0.13 7.42 14.83
C ALA B 70 -0.59 8.75 14.79
N THR B 71 0.17 9.85 14.82
CA THR B 71 -0.40 11.18 14.93
C THR B 71 0.00 12.02 13.72
N LEU B 72 -0.99 12.49 12.98
CA LEU B 72 -0.78 13.45 11.89
C LEU B 72 -0.83 14.85 12.48
N THR B 73 0.31 15.54 12.48
CA THR B 73 0.45 16.85 13.10
C THR B 73 0.40 17.92 12.01
N ILE B 74 -0.65 18.72 12.02
CA ILE B 74 -0.80 19.85 11.10
C ILE B 74 -0.21 21.08 11.77
N SER B 75 0.96 21.51 11.32
CA SER B 75 1.63 22.68 11.89
C SER B 75 1.14 23.93 11.19
N ARG B 76 0.95 24.99 11.97
CA ARG B 76 0.50 26.30 11.48
C ARG B 76 -0.82 26.15 10.72
N VAL B 77 -1.87 25.84 11.48
CA VAL B 77 -3.16 25.52 10.90
C VAL B 77 -3.73 26.76 10.21
N GLU B 78 -4.25 26.58 9.01
CA GLU B 78 -4.88 27.64 8.24
C GLU B 78 -6.39 27.42 8.19
N ALA B 79 -7.10 28.44 7.68
CA ALA B 79 -8.54 28.33 7.56
C ALA B 79 -8.95 27.28 6.55
N GLY B 80 -8.17 27.10 5.48
CA GLY B 80 -8.50 26.12 4.47
C GLY B 80 -8.30 24.69 4.91
N ASP B 81 -7.55 24.47 6.00
CA ASP B 81 -7.32 23.12 6.50
C ASP B 81 -8.55 22.48 7.10
N GLU B 82 -9.67 23.22 7.20
CA GLU B 82 -10.92 22.67 7.70
C GLU B 82 -11.43 21.57 6.78
N ALA B 83 -11.21 20.31 7.16
CA ALA B 83 -11.59 19.18 6.33
C ALA B 83 -11.70 17.93 7.19
N ASP B 84 -12.12 16.83 6.56
CA ASP B 84 -12.21 15.53 7.21
C ASP B 84 -10.94 14.74 6.90
N TYR B 85 -10.37 14.12 7.93
CA TYR B 85 -9.12 13.38 7.80
C TYR B 85 -9.34 11.92 8.17
N TYR B 86 -8.79 11.01 7.36
CA TYR B 86 -8.93 9.59 7.56
C TYR B 86 -7.56 8.94 7.50
N CYS B 87 -7.25 8.12 8.50
CA CYS B 87 -6.05 7.30 8.44
C CYS B 87 -6.39 5.94 7.86
N GLN B 88 -5.42 5.35 7.17
CA GLN B 88 -5.64 4.13 6.40
C GLN B 88 -4.45 3.20 6.58
N VAL B 89 -4.73 1.89 6.50
CA VAL B 89 -3.73 0.86 6.76
C VAL B 89 -4.12 -0.39 5.97
N TRP B 90 -3.20 -1.35 5.90
CA TRP B 90 -3.44 -2.65 5.28
C TRP B 90 -3.35 -3.72 6.34
N ASP B 91 -4.41 -4.50 6.51
CA ASP B 91 -4.48 -5.55 7.52
C ASP B 91 -4.11 -6.87 6.86
N SER B 92 -2.86 -7.30 7.07
CA SER B 92 -2.38 -8.56 6.51
C SER B 92 -2.88 -9.78 7.29
N SER B 93 -3.77 -9.59 8.25
CA SER B 93 -4.44 -10.69 8.93
C SER B 93 -5.74 -11.10 8.25
N SER B 94 -6.15 -10.37 7.21
CA SER B 94 -7.37 -10.68 6.48
C SER B 94 -7.30 -10.12 5.06
N ASP B 95 -6.17 -9.49 4.73
CA ASP B 95 -5.93 -8.91 3.41
C ASP B 95 -6.97 -7.85 3.07
N HIS B 96 -7.33 -7.04 4.06
CA HIS B 96 -8.16 -5.87 3.88
C HIS B 96 -7.33 -4.61 4.09
N VAL B 97 -7.74 -3.52 3.46
CA VAL B 97 -7.28 -2.19 3.87
C VAL B 97 -8.37 -1.64 4.79
N VAL B 98 -7.96 -0.99 5.87
CA VAL B 98 -8.88 -0.52 6.90
C VAL B 98 -8.75 0.98 7.02
N PHE B 99 -9.89 1.66 7.13
CA PHE B 99 -9.94 3.09 7.34
C PHE B 99 -10.31 3.41 8.77
N GLY B 100 -10.23 4.69 9.11
CA GLY B 100 -10.68 5.16 10.41
C GLY B 100 -12.05 5.81 10.31
N GLY B 101 -12.65 6.04 11.47
CA GLY B 101 -13.94 6.71 11.51
C GLY B 101 -13.90 8.12 10.96
N GLY B 102 -12.74 8.75 10.96
CA GLY B 102 -12.59 10.11 10.49
C GLY B 102 -12.50 11.11 11.63
N THR B 103 -12.03 12.31 11.29
CA THR B 103 -11.88 13.40 12.26
C THR B 103 -12.20 14.70 11.55
N LYS B 104 -13.30 15.34 11.95
CA LYS B 104 -13.66 16.64 11.40
C LYS B 104 -12.90 17.72 12.15
N LEU B 105 -11.99 18.39 11.47
CA LEU B 105 -11.16 19.44 12.06
C LEU B 105 -11.81 20.79 11.79
N THR B 106 -12.32 21.42 12.85
CA THR B 106 -12.85 22.78 12.77
C THR B 106 -11.83 23.75 13.34
N VAL B 107 -11.57 24.83 12.62
CA VAL B 107 -10.62 25.84 13.05
C VAL B 107 -11.36 26.94 13.80
N LEU B 108 -10.82 27.33 14.94
CA LEU B 108 -11.48 28.29 15.81
C LEU B 108 -11.18 29.72 15.36
N GLY B 109 -11.97 30.66 15.88
CA GLY B 109 -11.72 32.06 15.67
C GLY B 109 -11.93 32.56 14.25
N GLN B 110 -12.89 31.99 13.52
CA GLN B 110 -13.08 32.64 12.23
C GLN B 110 -14.13 33.73 12.33
N PRO B 111 -13.94 34.85 11.63
CA PRO B 111 -14.89 35.96 11.76
C PRO B 111 -16.27 35.59 11.25
N LYS B 112 -17.29 36.25 11.81
CA LYS B 112 -18.67 36.00 11.45
C LYS B 112 -19.01 36.62 10.10
N ALA B 113 -19.86 35.93 9.35
CA ALA B 113 -20.28 36.38 8.03
C ALA B 113 -21.78 36.64 8.02
N ASN B 114 -22.21 37.50 7.09
CA ASN B 114 -23.60 37.91 6.94
C ASN B 114 -24.31 37.00 5.94
N PRO B 115 -25.54 36.57 6.25
CA PRO B 115 -26.27 35.71 5.30
C PRO B 115 -26.77 36.47 4.09
N THR B 116 -26.24 36.12 2.91
CA THR B 116 -26.72 36.69 1.65
C THR B 116 -28.01 35.97 1.28
N VAL B 117 -29.14 36.57 1.65
CA VAL B 117 -30.45 35.95 1.48
C VAL B 117 -31.15 36.60 0.28
N THR B 118 -31.74 35.76 -0.57
CA THR B 118 -32.52 36.21 -1.71
C THR B 118 -33.77 35.35 -1.83
N LEU B 119 -34.91 36.00 -2.07
CA LEU B 119 -36.20 35.32 -2.11
C LEU B 119 -36.79 35.43 -3.51
N PHE B 120 -37.16 34.28 -4.08
CA PHE B 120 -37.78 34.23 -5.39
C PHE B 120 -39.26 33.89 -5.26
N PRO B 121 -40.14 34.59 -5.97
CA PRO B 121 -41.56 34.26 -5.93
C PRO B 121 -41.85 33.06 -6.83
N PRO B 122 -43.03 32.45 -6.71
CA PRO B 122 -43.37 31.33 -7.60
C PRO B 122 -43.36 31.74 -9.06
N SER B 123 -42.81 30.87 -9.90
CA SER B 123 -42.67 31.16 -11.32
C SER B 123 -44.03 31.25 -12.00
N SER B 124 -44.04 31.91 -13.16
CA SER B 124 -45.27 32.03 -13.92
C SER B 124 -45.71 30.69 -14.47
N GLU B 125 -44.78 29.88 -14.97
CA GLU B 125 -45.12 28.54 -15.44
C GLU B 125 -45.58 27.66 -14.28
N GLU B 126 -44.89 27.76 -13.13
CA GLU B 126 -45.30 26.97 -11.97
C GLU B 126 -46.66 27.41 -11.45
N LEU B 127 -46.91 28.73 -11.41
CA LEU B 127 -48.20 29.21 -10.94
C LEU B 127 -49.33 28.74 -11.83
N GLN B 128 -49.06 28.54 -13.13
CA GLN B 128 -50.07 28.02 -14.03
C GLN B 128 -50.41 26.57 -13.74
N ALA B 129 -49.50 25.83 -13.09
CA ALA B 129 -49.71 24.43 -12.75
C ALA B 129 -50.52 24.24 -11.48
N ASN B 130 -51.22 25.27 -11.01
CA ASN B 130 -52.07 25.24 -9.82
C ASN B 130 -51.32 24.85 -8.56
N LYS B 131 -49.99 24.90 -8.58
CA LYS B 131 -49.18 24.61 -7.40
C LYS B 131 -48.07 25.65 -7.32
N ALA B 132 -47.82 26.15 -6.11
CA ALA B 132 -46.87 27.24 -5.92
C ALA B 132 -45.83 26.84 -4.87
N THR B 133 -44.67 27.49 -4.94
CA THR B 133 -43.58 27.25 -4.01
C THR B 133 -42.70 28.49 -3.95
N LEU B 134 -42.36 28.92 -2.74
CA LEU B 134 -41.45 30.04 -2.53
C LEU B 134 -40.11 29.52 -2.03
N VAL B 135 -39.03 30.14 -2.50
CA VAL B 135 -37.67 29.69 -2.21
C VAL B 135 -36.91 30.83 -1.55
N CYS B 136 -36.13 30.50 -0.51
CA CYS B 136 -35.29 31.46 0.19
C CYS B 136 -33.91 30.84 0.34
N LEU B 137 -32.91 31.41 -0.33
CA LEU B 137 -31.56 30.85 -0.38
C LEU B 137 -30.62 31.76 0.40
N ILE B 138 -30.09 31.24 1.51
CA ILE B 138 -29.09 31.93 2.31
C ILE B 138 -27.72 31.44 1.90
N SER B 139 -26.82 32.38 1.59
CA SER B 139 -25.51 32.05 1.06
C SER B 139 -24.42 32.70 1.89
N ASP B 140 -23.37 31.92 2.18
CA ASP B 140 -22.16 32.41 2.85
C ASP B 140 -22.45 33.05 4.19
N PHE B 141 -22.50 32.24 5.25
CA PHE B 141 -22.68 32.76 6.60
C PHE B 141 -21.94 31.87 7.58
N TYR B 142 -21.17 32.48 8.48
CA TYR B 142 -20.42 31.79 9.50
C TYR B 142 -20.70 32.42 10.85
N PRO B 143 -20.86 31.62 11.92
CA PRO B 143 -20.87 30.15 11.93
C PRO B 143 -22.16 29.56 11.37
N GLY B 144 -22.09 28.35 10.82
CA GLY B 144 -23.21 27.77 10.11
C GLY B 144 -24.31 27.20 10.97
N ALA B 145 -25.28 28.06 11.33
CA ALA B 145 -26.47 27.66 12.08
C ALA B 145 -27.45 28.82 12.12
N VAL B 146 -28.54 28.73 11.35
CA VAL B 146 -29.46 29.84 11.19
C VAL B 146 -30.89 29.36 11.45
N THR B 147 -31.80 30.32 11.55
CA THR B 147 -33.22 30.07 11.75
C THR B 147 -34.01 30.81 10.69
N VAL B 148 -35.01 30.15 10.12
CA VAL B 148 -35.85 30.72 9.07
C VAL B 148 -37.24 30.96 9.64
N ALA B 149 -37.88 32.04 9.18
CA ALA B 149 -39.22 32.41 9.62
C ALA B 149 -40.01 32.90 8.42
N TRP B 150 -41.03 32.15 8.03
CA TRP B 150 -41.87 32.50 6.89
C TRP B 150 -43.09 33.28 7.38
N LYS B 151 -43.38 34.40 6.70
CA LYS B 151 -44.47 35.26 7.07
C LYS B 151 -45.41 35.47 5.89
N ALA B 152 -46.69 35.71 6.18
CA ALA B 152 -47.70 35.95 5.17
C ALA B 152 -48.40 37.26 5.50
N ASP B 153 -48.11 38.31 4.72
CA ASP B 153 -48.66 39.64 4.92
C ASP B 153 -48.37 40.14 6.34
N GLY B 154 -47.12 40.01 6.75
CA GLY B 154 -46.71 40.39 8.08
C GLY B 154 -47.14 39.44 9.18
N SER B 155 -47.85 38.35 8.85
CA SER B 155 -48.34 37.39 9.82
C SER B 155 -47.55 36.10 9.73
N PRO B 156 -47.24 35.45 10.86
CA PRO B 156 -46.48 34.20 10.82
C PRO B 156 -47.30 33.07 10.22
N VAL B 157 -46.59 32.10 9.66
CA VAL B 157 -47.20 30.92 9.06
C VAL B 157 -46.76 29.68 9.83
N LYS B 158 -47.47 28.58 9.61
CA LYS B 158 -47.19 27.33 10.30
C LYS B 158 -46.11 26.54 9.58
N VAL B 161 -43.80 23.98 4.31
CA VAL B 161 -42.53 24.60 4.69
C VAL B 161 -41.48 23.54 5.01
N GLU B 162 -40.40 23.55 4.24
CA GLU B 162 -39.31 22.60 4.43
C GLU B 162 -37.97 23.33 4.36
N THR B 163 -37.10 23.06 5.32
CA THR B 163 -35.78 23.65 5.39
C THR B 163 -34.72 22.56 5.37
N THR B 164 -33.54 22.91 4.87
CA THR B 164 -32.43 21.98 4.73
C THR B 164 -31.42 22.15 5.85
N LYS B 165 -30.61 21.12 6.05
CA LYS B 165 -29.55 21.19 7.04
C LYS B 165 -28.44 22.11 6.53
N PRO B 166 -27.81 22.89 7.42
CA PRO B 166 -26.74 23.80 6.97
C PRO B 166 -25.54 23.03 6.48
N SER B 167 -25.22 23.20 5.19
CA SER B 167 -24.13 22.48 4.55
C SER B 167 -22.97 23.45 4.29
N LYS B 168 -21.76 23.01 4.61
CA LYS B 168 -20.58 23.85 4.37
C LYS B 168 -20.29 23.95 2.88
N GLN B 169 -19.95 25.14 2.44
CA GLN B 169 -19.72 25.43 1.03
C GLN B 169 -18.22 25.37 0.72
N SER B 170 -17.88 25.63 -0.55
CA SER B 170 -16.48 25.68 -0.95
C SER B 170 -15.73 26.74 -0.16
N ASN B 171 -16.20 27.98 -0.21
CA ASN B 171 -15.78 28.97 0.77
C ASN B 171 -16.21 28.50 2.16
N ASN B 172 -15.31 28.65 3.13
CA ASN B 172 -15.52 28.07 4.45
C ASN B 172 -16.82 28.52 5.11
N LYS B 173 -17.46 29.57 4.60
CA LYS B 173 -18.76 29.99 5.12
C LYS B 173 -19.84 29.01 4.67
N TYR B 174 -20.81 28.77 5.56
CA TYR B 174 -21.83 27.76 5.31
C TYR B 174 -22.91 28.29 4.37
N ALA B 175 -23.84 27.41 4.01
CA ALA B 175 -24.94 27.77 3.12
C ALA B 175 -26.09 26.79 3.33
N ALA B 176 -27.31 27.28 3.08
CA ALA B 176 -28.50 26.45 3.23
C ALA B 176 -29.65 27.11 2.49
N SER B 177 -30.72 26.34 2.28
CA SER B 177 -31.91 26.83 1.60
C SER B 177 -33.15 26.32 2.32
N SER B 178 -34.28 26.96 2.03
CA SER B 178 -35.55 26.60 2.64
C SER B 178 -36.66 26.83 1.63
N TYR B 179 -37.64 25.91 1.60
CA TYR B 179 -38.72 25.93 0.63
C TYR B 179 -40.05 26.05 1.35
N LEU B 180 -40.89 26.96 0.88
CA LEU B 180 -42.24 27.16 1.39
C LEU B 180 -43.23 26.79 0.30
N SER B 181 -44.04 25.77 0.56
CA SER B 181 -45.03 25.30 -0.40
C SER B 181 -46.41 25.81 0.01
N LEU B 182 -47.15 26.36 -0.96
CA LEU B 182 -48.47 26.91 -0.70
C LEU B 182 -49.40 26.56 -1.86
N THR B 183 -50.69 26.81 -1.64
CA THR B 183 -51.73 26.60 -2.62
C THR B 183 -51.87 27.83 -3.52
N PRO B 184 -52.46 27.67 -4.72
CA PRO B 184 -52.48 28.80 -5.66
C PRO B 184 -53.23 30.03 -5.14
N GLU B 185 -54.22 29.84 -4.26
CA GLU B 185 -54.94 31.01 -3.75
C GLU B 185 -54.10 31.79 -2.76
N GLN B 186 -53.34 31.11 -1.91
CA GLN B 186 -52.59 31.78 -0.85
C GLN B 186 -51.57 32.77 -1.40
N TRP B 187 -50.99 32.47 -2.58
CA TRP B 187 -49.98 33.37 -3.14
C TRP B 187 -50.58 34.72 -3.53
N LYS B 188 -51.81 34.72 -4.05
CA LYS B 188 -52.47 35.95 -4.47
C LYS B 188 -53.50 36.45 -3.47
N SER B 189 -53.92 35.63 -2.50
CA SER B 189 -54.84 36.09 -1.47
C SER B 189 -54.18 37.19 -0.62
N HIS B 190 -53.06 36.86 0.02
CA HIS B 190 -52.26 37.86 0.71
C HIS B 190 -51.42 38.63 -0.31
N ARG B 191 -51.32 39.94 -0.12
CA ARG B 191 -50.65 40.81 -1.08
C ARG B 191 -49.18 41.03 -0.76
N SER B 192 -48.56 40.15 0.03
CA SER B 192 -47.16 40.28 0.36
C SER B 192 -46.65 38.97 0.94
N TYR B 193 -45.35 38.77 0.83
CA TYR B 193 -44.69 37.58 1.37
C TYR B 193 -43.21 37.92 1.58
N SER B 194 -42.67 37.49 2.72
CA SER B 194 -41.31 37.83 3.09
C SER B 194 -40.63 36.64 3.77
N CYS B 195 -39.33 36.52 3.56
CA CYS B 195 -38.50 35.52 4.22
C CYS B 195 -37.64 36.20 5.28
N GLN B 196 -37.72 35.72 6.51
CA GLN B 196 -37.00 36.29 7.64
C GLN B 196 -36.05 35.24 8.20
N VAL B 197 -34.76 35.57 8.25
CA VAL B 197 -33.72 34.66 8.72
C VAL B 197 -32.84 35.41 9.70
N THR B 198 -32.56 34.79 10.85
CA THR B 198 -31.74 35.38 11.90
C THR B 198 -30.45 34.59 12.05
N HIS B 199 -29.33 35.31 12.18
CA HIS B 199 -28.01 34.69 12.30
C HIS B 199 -27.22 35.47 13.36
N GLU B 200 -26.97 34.82 14.49
CA GLU B 200 -26.23 35.42 15.61
C GLU B 200 -26.89 36.71 16.08
N GLY B 201 -28.16 36.60 16.44
CA GLY B 201 -28.91 37.72 16.97
C GLY B 201 -29.11 38.86 16.01
N SER B 202 -29.05 38.61 14.70
CA SER B 202 -29.25 39.63 13.69
C SER B 202 -30.07 39.03 12.56
N THR B 203 -31.18 39.69 12.22
CA THR B 203 -32.15 39.15 11.27
C THR B 203 -32.02 39.84 9.92
N VAL B 204 -32.09 39.03 8.86
CA VAL B 204 -32.11 39.53 7.48
C VAL B 204 -33.46 39.17 6.86
N GLU B 205 -33.93 40.02 5.96
CA GLU B 205 -35.26 39.85 5.38
C GLU B 205 -35.21 40.14 3.88
N LYS B 206 -36.24 39.66 3.18
CA LYS B 206 -36.39 39.88 1.75
C LYS B 206 -37.87 39.68 1.40
N THR B 207 -38.41 40.60 0.60
CA THR B 207 -39.83 40.61 0.29
C THR B 207 -40.06 40.35 -1.19
N VAL B 208 -41.25 39.83 -1.51
CA VAL B 208 -41.66 39.56 -2.87
C VAL B 208 -43.13 39.91 -3.00
N ALA B 209 -43.52 40.39 -4.19
CA ALA B 209 -44.88 40.83 -4.44
C ALA B 209 -45.39 40.31 -5.78
N PRO B 210 -46.66 39.89 -5.84
CA PRO B 210 -47.30 39.43 -7.08
C PRO B 210 -47.46 40.56 -8.10
N ASN C 4 19.62 -39.36 15.92
CA ASN C 4 19.68 -38.64 14.64
C ASN C 4 18.31 -38.43 14.03
N ASN C 5 17.56 -39.52 13.88
CA ASN C 5 16.27 -39.45 13.21
C ASN C 5 15.31 -38.52 13.95
N ILE C 6 14.38 -37.93 13.19
CA ILE C 6 13.53 -36.86 13.69
C ILE C 6 12.07 -37.27 13.58
N CYS C 7 11.17 -36.33 13.87
CA CYS C 7 9.75 -36.55 13.66
C CYS C 7 9.44 -36.35 12.18
N LEU C 8 8.94 -37.40 11.54
CA LEU C 8 8.80 -37.42 10.09
C LEU C 8 7.38 -37.16 9.60
N GLN C 9 6.40 -37.09 10.49
CA GLN C 9 5.01 -36.96 10.09
C GLN C 9 4.43 -35.62 10.55
N LYS C 10 3.36 -35.23 9.89
CA LYS C 10 2.63 -34.01 10.26
C LYS C 10 1.93 -34.22 11.59
N THR C 11 2.19 -33.32 12.54
CA THR C 11 1.63 -33.43 13.88
C THR C 11 1.11 -32.07 14.33
N SER C 12 0.20 -32.10 15.31
CA SER C 12 -0.43 -30.90 15.83
C SER C 12 0.17 -30.41 17.13
N ASN C 13 0.85 -31.28 17.88
CA ASN C 13 1.47 -30.85 19.13
C ASN C 13 2.63 -29.90 18.86
N GLN C 14 2.73 -28.87 19.71
CA GLN C 14 3.83 -27.91 19.62
C GLN C 14 5.11 -28.58 20.11
N ILE C 15 5.71 -29.38 19.24
CA ILE C 15 6.95 -30.06 19.59
C ILE C 15 8.15 -29.13 19.44
N LEU C 16 8.06 -28.15 18.54
CA LEU C 16 9.14 -27.18 18.40
C LEU C 16 9.12 -26.19 19.56
N LYS C 17 10.27 -26.06 20.23
CA LYS C 17 10.42 -25.17 21.38
C LYS C 17 11.58 -24.23 21.12
N PRO C 18 11.39 -23.19 20.31
CA PRO C 18 12.49 -22.28 20.00
C PRO C 18 12.96 -21.53 21.24
N LYS C 19 14.28 -21.33 21.31
CA LYS C 19 14.90 -20.65 22.44
C LYS C 19 15.68 -19.44 21.95
N LEU C 20 15.37 -18.27 22.51
CA LEU C 20 16.06 -17.05 22.13
C LEU C 20 17.47 -17.05 22.71
N ILE C 21 18.46 -16.90 21.84
CA ILE C 21 19.86 -16.87 22.24
C ILE C 21 20.50 -15.58 21.75
N SER C 22 19.69 -14.53 21.62
CA SER C 22 20.18 -13.28 21.05
C SER C 22 21.25 -12.64 21.93
N TYR C 23 21.06 -12.64 23.25
CA TYR C 23 22.02 -11.99 24.14
C TYR C 23 23.32 -12.79 24.28
N THR C 24 23.33 -14.07 23.88
CA THR C 24 24.59 -14.80 23.84
C THR C 24 25.55 -14.16 22.85
N LEU C 25 25.02 -13.63 21.75
CA LEU C 25 25.78 -12.83 20.80
C LEU C 25 25.58 -11.37 21.21
N PRO C 26 26.51 -10.78 21.98
CA PRO C 26 26.24 -9.44 22.54
C PRO C 26 26.10 -8.35 21.49
N VAL C 27 26.65 -8.53 20.29
CA VAL C 27 26.63 -7.46 19.29
C VAL C 27 25.24 -7.29 18.67
N VAL C 28 24.42 -8.34 18.63
CA VAL C 28 23.09 -8.23 18.02
C VAL C 28 22.22 -7.23 18.78
N GLY C 29 22.35 -7.20 20.11
CA GLY C 29 21.46 -6.43 20.95
C GLY C 29 22.12 -5.17 21.44
N GLN C 30 21.61 -4.03 21.00
CA GLN C 30 22.03 -2.72 21.47
C GLN C 30 20.81 -1.82 21.58
N SER C 31 20.93 -0.81 22.42
CA SER C 31 19.84 0.11 22.71
C SER C 31 19.92 1.33 21.81
N GLY C 32 18.82 1.60 21.08
CA GLY C 32 18.71 2.77 20.25
C GLY C 32 19.63 2.76 19.04
N THR C 33 19.66 1.63 18.32
CA THR C 33 20.48 1.49 17.13
C THR C 33 19.74 0.68 16.09
N CYS C 34 19.79 1.14 14.83
CA CYS C 34 19.21 0.42 13.71
C CYS C 34 20.28 -0.48 13.11
N ILE C 35 19.97 -1.77 12.99
CA ILE C 35 20.92 -2.78 12.53
C ILE C 35 20.31 -3.48 11.32
N THR C 36 20.96 -3.36 10.16
CA THR C 36 20.45 -3.87 8.90
C THR C 36 21.52 -4.70 8.20
N ASP C 37 21.13 -5.31 7.08
CA ASP C 37 21.99 -6.09 6.20
C ASP C 37 22.75 -7.16 6.99
N PRO C 38 22.08 -8.22 7.44
CA PRO C 38 22.74 -9.23 8.27
C PRO C 38 23.30 -10.38 7.44
N LEU C 39 24.31 -11.02 8.02
CA LEU C 39 24.94 -12.21 7.44
C LEU C 39 25.20 -13.19 8.56
N LEU C 40 24.79 -14.45 8.36
CA LEU C 40 25.08 -15.52 9.31
C LEU C 40 25.46 -16.76 8.53
N ALA C 41 26.70 -17.21 8.70
CA ALA C 41 27.24 -18.33 7.95
C ALA C 41 28.00 -19.25 8.91
N MET C 42 27.70 -20.54 8.84
CA MET C 42 28.34 -21.53 9.69
C MET C 42 28.86 -22.69 8.85
N ASP C 43 30.00 -23.24 9.26
CA ASP C 43 30.53 -24.46 8.66
C ASP C 43 31.45 -25.13 9.65
N GLU C 44 31.38 -26.47 9.70
CA GLU C 44 32.12 -27.27 10.67
C GLU C 44 31.84 -26.79 12.09
N GLY C 45 32.85 -26.27 12.76
CA GLY C 45 32.68 -25.84 14.14
C GLY C 45 32.60 -24.34 14.37
N TYR C 46 32.71 -23.54 13.31
CA TYR C 46 32.81 -22.09 13.45
C TYR C 46 31.62 -21.41 12.76
N PHE C 47 31.63 -20.09 12.78
CA PHE C 47 30.58 -19.30 12.14
C PHE C 47 31.14 -17.94 11.75
N ALA C 48 30.35 -17.20 10.98
CA ALA C 48 30.68 -15.85 10.59
C ALA C 48 29.41 -14.99 10.63
N TYR C 49 29.59 -13.72 10.96
CA TYR C 49 28.46 -12.83 11.17
C TYR C 49 28.82 -11.42 10.72
N SER C 50 27.81 -10.68 10.28
CA SER C 50 28.02 -9.31 9.85
C SER C 50 26.70 -8.54 9.93
N HIS C 51 26.81 -7.25 10.21
CA HIS C 51 25.66 -6.34 10.19
C HIS C 51 26.17 -4.91 10.05
N LEU C 52 25.24 -3.97 9.92
CA LEU C 52 25.56 -2.56 9.77
C LEU C 52 24.82 -1.76 10.84
N GLU C 53 25.58 -1.08 11.70
CA GLU C 53 25.00 -0.24 12.74
C GLU C 53 24.69 1.13 12.16
N ARG C 54 23.60 1.19 11.40
CA ARG C 54 23.19 2.42 10.72
C ARG C 54 22.45 3.34 11.67
N SER C 63 27.66 7.51 14.01
CA SER C 63 28.61 6.46 14.35
C SER C 63 28.33 5.17 13.58
N LYS C 64 28.20 5.28 12.26
CA LYS C 64 27.98 4.12 11.42
C LYS C 64 29.20 3.21 11.45
N GLN C 65 28.95 1.90 11.39
CA GLN C 65 30.02 0.93 11.54
C GLN C 65 29.63 -0.37 10.85
N ARG C 66 30.58 -0.96 10.15
CA ARG C 66 30.44 -2.32 9.61
C ARG C 66 31.23 -3.27 10.49
N ILE C 67 30.64 -4.41 10.81
CA ILE C 67 31.26 -5.42 11.65
C ILE C 67 31.22 -6.74 10.91
N ILE C 68 32.38 -7.35 10.70
CA ILE C 68 32.51 -8.68 10.12
C ILE C 68 33.28 -9.53 11.13
N GLY C 69 32.60 -10.50 11.74
CA GLY C 69 33.18 -11.27 12.81
C GLY C 69 33.05 -12.76 12.56
N VAL C 70 33.88 -13.50 13.30
CA VAL C 70 33.86 -14.96 13.28
C VAL C 70 34.00 -15.47 14.71
N GLY C 71 33.59 -16.73 14.90
CA GLY C 71 33.66 -17.34 16.22
C GLY C 71 33.39 -18.82 16.21
N GLU C 72 32.90 -19.35 17.33
CA GLU C 72 32.64 -20.77 17.49
C GLU C 72 31.19 -21.02 17.90
N VAL C 73 30.66 -22.16 17.46
CA VAL C 73 29.35 -22.62 17.87
C VAL C 73 29.57 -23.66 18.96
N LEU C 74 29.33 -23.26 20.22
CA LEU C 74 29.67 -24.09 21.36
C LEU C 74 28.45 -24.33 22.24
N ASP C 75 28.47 -25.46 22.95
CA ASP C 75 27.45 -25.76 23.95
C ASP C 75 27.49 -24.71 25.05
N ARG C 76 26.42 -23.91 25.15
CA ARG C 76 26.40 -22.83 26.14
C ARG C 76 26.32 -23.33 27.57
N GLY C 77 26.06 -24.62 27.77
CA GLY C 77 25.98 -25.18 29.11
C GLY C 77 24.86 -26.19 29.27
N ASP C 78 23.62 -25.76 29.03
CA ASP C 78 22.46 -26.62 29.13
C ASP C 78 22.17 -27.39 27.85
N GLU C 79 23.23 -27.76 27.11
CA GLU C 79 23.11 -28.50 25.86
C GLU C 79 22.28 -27.73 24.83
N VAL C 80 22.52 -26.42 24.74
CA VAL C 80 21.91 -25.57 23.74
C VAL C 80 23.02 -24.79 23.04
N PRO C 81 23.12 -24.83 21.72
CA PRO C 81 24.22 -24.15 21.04
C PRO C 81 24.03 -22.64 21.02
N SER C 82 25.16 -21.93 20.92
CA SER C 82 25.16 -20.48 20.84
C SER C 82 26.44 -20.03 20.15
N LEU C 83 26.38 -18.84 19.58
CA LEU C 83 27.52 -18.26 18.87
C LEU C 83 28.40 -17.49 19.84
N PHE C 84 29.69 -17.81 19.86
CA PHE C 84 30.66 -17.14 20.72
C PHE C 84 31.74 -16.54 19.84
N MET C 85 31.83 -15.21 19.84
CA MET C 85 32.69 -14.51 18.91
C MET C 85 34.16 -14.67 19.29
N THR C 86 34.99 -14.93 18.29
CA THR C 86 36.42 -15.10 18.48
C THR C 86 37.28 -14.06 17.77
N ASN C 87 36.72 -13.32 16.82
CA ASN C 87 37.48 -12.31 16.09
C ASN C 87 36.49 -11.37 15.41
N VAL C 88 36.61 -10.07 15.69
CA VAL C 88 35.75 -9.05 15.09
C VAL C 88 36.63 -8.10 14.27
N TRP C 89 36.21 -7.82 13.05
CA TRP C 89 36.90 -6.88 12.17
C TRP C 89 35.98 -5.71 11.87
N THR C 90 36.52 -4.50 12.01
CA THR C 90 35.78 -3.28 11.68
C THR C 90 36.42 -2.62 10.46
N PRO C 91 35.90 -2.85 9.26
CA PRO C 91 36.51 -2.27 8.06
C PRO C 91 36.30 -0.77 8.01
N PRO C 92 37.33 0.00 7.72
CA PRO C 92 37.16 1.45 7.59
C PRO C 92 36.34 1.80 6.37
N ASN C 93 35.70 2.97 6.43
CA ASN C 93 34.79 3.47 5.40
C ASN C 93 33.65 2.48 5.19
N PRO C 94 32.69 2.43 6.12
CA PRO C 94 31.60 1.45 5.99
C PRO C 94 30.61 1.76 4.88
N ASN C 95 30.58 2.99 4.37
CA ASN C 95 29.63 3.35 3.33
C ASN C 95 29.93 2.66 2.01
N THR C 96 31.15 2.16 1.83
CA THR C 96 31.55 1.57 0.56
C THR C 96 31.36 0.06 0.50
N VAL C 97 31.18 -0.59 1.64
CA VAL C 97 31.16 -2.05 1.72
C VAL C 97 29.72 -2.54 1.60
N TYR C 98 29.43 -3.31 0.55
CA TYR C 98 28.09 -3.86 0.32
C TYR C 98 28.17 -5.34 -0.02
N HIS C 99 27.10 -6.06 0.32
CA HIS C 99 26.83 -7.41 -0.17
C HIS C 99 27.98 -8.37 0.14
N CYS C 100 28.18 -8.61 1.43
CA CYS C 100 29.21 -9.55 1.86
C CYS C 100 28.73 -10.98 1.70
N SER C 101 29.69 -11.88 1.49
CA SER C 101 29.43 -13.30 1.39
C SER C 101 30.58 -14.06 2.05
N ALA C 102 30.25 -15.08 2.83
CA ALA C 102 31.21 -15.73 3.72
C ALA C 102 31.32 -17.22 3.40
N VAL C 103 32.56 -17.71 3.33
CA VAL C 103 32.86 -19.12 3.14
C VAL C 103 34.02 -19.50 4.04
N TYR C 104 33.93 -20.68 4.67
CA TYR C 104 34.96 -21.16 5.58
C TYR C 104 35.80 -22.24 4.92
N ASN C 105 37.11 -22.25 5.23
CA ASN C 105 38.00 -23.30 4.77
C ASN C 105 39.32 -23.29 5.54
N ASN C 106 39.59 -24.35 6.30
CA ASN C 106 40.87 -24.62 6.93
C ASN C 106 41.29 -23.47 7.87
N GLU C 107 40.57 -23.42 9.00
CA GLU C 107 40.88 -22.51 10.11
C GLU C 107 40.92 -21.04 9.66
N PHE C 108 40.29 -20.73 8.53
CA PHE C 108 40.15 -19.36 8.05
C PHE C 108 38.75 -19.18 7.51
N TYR C 109 38.26 -17.94 7.60
CA TYR C 109 36.96 -17.59 7.04
C TYR C 109 37.17 -16.54 5.96
N TYR C 110 36.69 -16.81 4.76
CA TYR C 110 36.87 -15.92 3.62
C TYR C 110 35.56 -15.16 3.39
N VAL C 111 35.63 -13.84 3.43
CA VAL C 111 34.48 -12.97 3.28
C VAL C 111 34.67 -12.17 2.00
N LEU C 112 33.95 -12.55 0.95
CA LEU C 112 33.93 -11.80 -0.30
C LEU C 112 32.86 -10.71 -0.20
N CYS C 113 33.22 -9.50 -0.62
CA CYS C 113 32.33 -8.37 -0.42
C CYS C 113 32.59 -7.33 -1.50
N ALA C 114 31.54 -6.60 -1.88
CA ALA C 114 31.62 -5.60 -2.92
C ALA C 114 31.96 -4.23 -2.35
N VAL C 115 32.59 -3.41 -3.18
CA VAL C 115 32.98 -2.04 -2.81
C VAL C 115 32.40 -1.08 -3.84
N SER C 116 31.66 -0.09 -3.36
CA SER C 116 30.95 0.83 -4.25
C SER C 116 30.88 2.21 -3.62
N THR C 117 31.05 3.25 -4.42
CA THR C 117 30.87 4.62 -3.99
C THR C 117 29.63 5.27 -4.62
N VAL C 118 28.72 4.45 -5.15
CA VAL C 118 27.51 4.96 -5.79
C VAL C 118 26.29 4.28 -5.17
N GLY C 119 26.46 3.76 -3.96
CA GLY C 119 25.38 3.07 -3.28
C GLY C 119 25.35 1.59 -3.60
N ASP C 120 24.21 0.99 -3.26
CA ASP C 120 24.00 -0.43 -3.54
C ASP C 120 24.10 -0.67 -5.05
N PRO C 121 25.02 -1.52 -5.51
CA PRO C 121 25.14 -1.76 -6.95
C PRO C 121 23.87 -2.29 -7.58
N ILE C 122 22.98 -2.91 -6.81
CA ILE C 122 21.71 -3.37 -7.38
C ILE C 122 20.88 -2.18 -7.83
N LEU C 123 20.89 -1.10 -7.05
CA LEU C 123 20.11 0.09 -7.37
C LEU C 123 20.83 1.05 -8.29
N ASN C 124 22.16 0.99 -8.35
CA ASN C 124 22.96 1.83 -9.25
C ASN C 124 23.86 0.91 -10.07
N SER C 125 23.23 0.12 -10.94
CA SER C 125 23.96 -0.93 -11.64
C SER C 125 24.94 -0.37 -12.66
N THR C 126 24.53 0.68 -13.38
CA THR C 126 25.37 1.21 -14.45
C THR C 126 26.62 1.91 -13.89
N TYR C 127 26.46 2.66 -12.81
CA TYR C 127 27.56 3.46 -12.27
C TYR C 127 28.50 2.66 -11.38
N TRP C 128 28.16 1.42 -11.04
CA TRP C 128 28.98 0.66 -10.08
C TRP C 128 30.40 0.47 -10.61
N SER C 129 31.37 0.69 -9.73
CA SER C 129 32.77 0.52 -10.12
C SER C 129 33.08 -0.94 -10.45
N GLY C 130 32.33 -1.88 -9.88
CA GLY C 130 32.59 -3.29 -10.05
C GLY C 130 33.68 -3.85 -9.18
N SER C 131 34.38 -3.02 -8.40
CA SER C 131 35.48 -3.48 -7.58
C SER C 131 34.97 -4.40 -6.47
N LEU C 132 35.68 -5.51 -6.28
CA LEU C 132 35.41 -6.44 -5.18
C LEU C 132 36.60 -6.46 -4.23
N MET C 133 36.35 -6.99 -3.03
CA MET C 133 37.43 -7.19 -2.06
C MET C 133 37.20 -8.49 -1.32
N MET C 134 38.30 -9.17 -1.00
CA MET C 134 38.28 -10.46 -0.32
C MET C 134 39.17 -10.38 0.90
N THR C 135 38.57 -10.59 2.08
CA THR C 135 39.29 -10.55 3.33
C THR C 135 39.23 -11.92 3.99
N ARG C 136 40.38 -12.37 4.49
CA ARG C 136 40.52 -13.68 5.13
C ARG C 136 40.68 -13.49 6.63
N LEU C 137 39.71 -13.97 7.39
CA LEU C 137 39.69 -13.82 8.84
C LEU C 137 40.11 -15.13 9.50
N ALA C 138 40.85 -15.01 10.60
CA ALA C 138 41.31 -16.17 11.36
C ALA C 138 40.32 -16.48 12.47
N VAL C 139 39.96 -17.76 12.59
CA VAL C 139 39.02 -18.17 13.64
C VAL C 139 39.69 -18.10 15.00
N LYS C 140 40.98 -18.44 15.07
CA LYS C 140 41.77 -18.37 16.30
C LYS C 140 42.90 -17.38 16.06
N PRO C 141 42.67 -16.08 16.29
CA PRO C 141 43.69 -15.09 15.95
C PRO C 141 44.86 -15.11 16.92
N LYS C 142 46.04 -14.84 16.38
CA LYS C 142 47.26 -14.76 17.17
C LYS C 142 47.46 -13.35 17.69
N SER C 143 47.89 -13.24 18.95
CA SER C 143 48.35 -11.97 19.47
C SER C 143 49.66 -11.60 18.80
N ASN C 144 49.76 -10.34 18.34
CA ASN C 144 50.86 -9.89 17.50
C ASN C 144 50.93 -10.72 16.21
N GLY C 145 49.82 -10.71 15.48
CA GLY C 145 49.70 -11.52 14.29
C GLY C 145 49.29 -10.76 13.05
N GLY C 146 50.26 -10.15 12.37
CA GLY C 146 49.99 -9.48 11.11
C GLY C 146 49.92 -10.48 9.97
N GLY C 147 49.00 -10.22 9.03
CA GLY C 147 48.82 -11.12 7.91
C GLY C 147 48.20 -12.46 8.25
N TYR C 148 47.67 -12.61 9.46
CA TYR C 148 47.02 -13.86 9.87
C TYR C 148 45.64 -13.59 10.44
N ASN C 149 45.56 -12.67 11.42
CA ASN C 149 44.28 -12.35 12.05
C ASN C 149 43.26 -11.92 11.01
N GLN C 150 43.57 -10.87 10.26
CA GLN C 150 42.76 -10.49 9.09
C GLN C 150 43.70 -9.95 8.03
N HIS C 151 43.50 -10.38 6.80
CA HIS C 151 44.42 -10.03 5.70
C HIS C 151 43.61 -9.94 4.42
N GLN C 152 43.70 -8.79 3.75
CA GLN C 152 42.96 -8.56 2.51
C GLN C 152 43.73 -9.20 1.36
N LEU C 153 43.15 -10.24 0.78
CA LEU C 153 43.82 -10.96 -0.30
C LEU C 153 43.81 -10.12 -1.58
N ALA C 154 44.66 -10.53 -2.52
CA ALA C 154 44.78 -9.89 -3.82
C ALA C 154 44.22 -10.82 -4.89
N LEU C 155 43.31 -10.31 -5.70
CA LEU C 155 42.68 -11.07 -6.78
C LEU C 155 43.28 -10.61 -8.11
N ARG C 156 43.97 -11.53 -8.79
CA ARG C 156 44.67 -11.16 -10.01
C ARG C 156 43.70 -10.77 -11.12
N SER C 157 42.52 -11.39 -11.15
CA SER C 157 41.54 -11.09 -12.18
C SER C 157 40.16 -11.55 -11.73
N ILE C 158 39.13 -10.99 -12.35
CA ILE C 158 37.74 -11.38 -12.11
C ILE C 158 37.18 -11.80 -13.46
N GLU C 159 37.04 -13.12 -13.66
CA GLU C 159 36.53 -13.66 -14.91
C GLU C 159 35.01 -13.69 -14.87
N LYS C 160 34.38 -12.96 -15.80
CA LYS C 160 32.94 -12.81 -15.82
C LYS C 160 32.30 -13.23 -17.14
N GLY C 161 33.10 -13.52 -18.17
CA GLY C 161 32.52 -13.93 -19.45
C GLY C 161 31.80 -12.78 -20.12
N ARG C 162 30.66 -13.09 -20.74
CA ARG C 162 29.86 -12.07 -21.41
C ARG C 162 29.16 -11.14 -20.45
N TYR C 163 29.18 -11.44 -19.15
CA TYR C 163 28.58 -10.56 -18.17
C TYR C 163 29.45 -9.30 -17.98
N ASP C 164 28.80 -8.17 -17.76
CA ASP C 164 29.53 -6.92 -17.61
C ASP C 164 30.11 -6.77 -16.22
N LYS C 165 29.39 -7.23 -15.19
CA LYS C 165 29.83 -7.15 -13.80
C LYS C 165 29.37 -8.38 -13.04
N VAL C 166 30.16 -8.77 -12.05
CA VAL C 166 29.79 -9.84 -11.13
C VAL C 166 29.98 -9.35 -9.72
N MET C 167 29.28 -9.99 -8.77
CA MET C 167 29.23 -9.52 -7.40
C MET C 167 28.70 -10.65 -6.52
N PRO C 168 29.25 -10.84 -5.33
CA PRO C 168 28.64 -11.80 -4.40
C PRO C 168 27.24 -11.33 -3.99
N TYR C 169 26.33 -12.28 -3.87
CA TYR C 169 24.92 -11.99 -3.66
C TYR C 169 24.31 -13.11 -2.81
N GLY C 170 24.77 -13.23 -1.58
CA GLY C 170 24.29 -14.26 -0.69
C GLY C 170 25.08 -14.34 0.61
N PRO C 171 24.45 -14.87 1.65
CA PRO C 171 25.10 -14.95 2.97
C PRO C 171 26.27 -15.91 3.00
N SER C 172 26.08 -17.16 2.60
CA SER C 172 27.05 -18.21 2.85
C SER C 172 27.28 -19.06 1.61
N GLY C 173 28.42 -19.74 1.61
CA GLY C 173 28.79 -20.67 0.55
C GLY C 173 29.49 -21.91 1.07
N ILE C 174 30.09 -22.70 0.18
CA ILE C 174 30.73 -23.96 0.56
C ILE C 174 32.16 -23.98 0.04
N LYS C 175 32.91 -24.95 0.52
CA LYS C 175 34.27 -25.24 0.05
C LYS C 175 34.32 -26.69 -0.37
N GLN C 176 34.81 -26.93 -1.58
CA GLN C 176 35.00 -28.28 -2.11
C GLN C 176 36.50 -28.53 -2.20
N GLY C 177 37.06 -29.13 -1.15
CA GLY C 177 38.48 -29.38 -1.10
C GLY C 177 39.27 -28.11 -0.82
N ASP C 178 39.88 -27.55 -1.86
CA ASP C 178 40.71 -26.35 -1.73
C ASP C 178 40.14 -25.18 -2.53
N THR C 179 38.88 -25.28 -2.96
CA THR C 179 38.26 -24.26 -3.79
C THR C 179 36.99 -23.76 -3.11
N LEU C 180 36.83 -22.43 -3.08
CA LEU C 180 35.67 -21.79 -2.47
C LEU C 180 34.63 -21.46 -3.53
N TYR C 181 33.36 -21.50 -3.11
CA TYR C 181 32.23 -21.22 -3.99
C TYR C 181 31.28 -20.26 -3.27
N PHE C 182 31.38 -18.97 -3.60
CA PHE C 182 30.49 -17.95 -3.07
C PHE C 182 29.22 -17.87 -3.91
N PRO C 183 28.07 -17.63 -3.29
CA PRO C 183 26.86 -17.31 -4.08
C PRO C 183 26.98 -15.90 -4.66
N ALA C 184 26.70 -15.77 -5.94
CA ALA C 184 26.96 -14.51 -6.64
C ALA C 184 25.85 -14.27 -7.65
N VAL C 185 26.02 -13.20 -8.43
CA VAL C 185 25.07 -12.80 -9.46
C VAL C 185 25.85 -12.07 -10.55
N GLY C 186 25.35 -12.17 -11.79
CA GLY C 186 26.00 -11.58 -12.94
C GLY C 186 25.16 -10.48 -13.54
N PHE C 187 25.81 -9.35 -13.82
CA PHE C 187 25.18 -8.21 -14.47
C PHE C 187 25.39 -8.34 -15.98
N LEU C 188 24.30 -8.59 -16.71
CA LEU C 188 24.35 -8.73 -18.15
C LEU C 188 23.55 -7.61 -18.79
N VAL C 189 24.12 -7.00 -19.84
CA VAL C 189 23.40 -5.99 -20.60
C VAL C 189 22.15 -6.63 -21.20
N ARG C 190 21.00 -5.98 -21.01
CA ARG C 190 19.73 -6.58 -21.41
C ARG C 190 19.66 -6.83 -22.91
N THR C 191 20.33 -5.99 -23.71
CA THR C 191 20.35 -6.21 -25.15
C THR C 191 21.06 -7.49 -25.53
N GLU C 192 22.11 -7.86 -24.78
CA GLU C 192 22.83 -9.10 -25.02
C GLU C 192 22.15 -10.31 -24.41
N PHE C 193 21.04 -10.13 -23.70
CA PHE C 193 20.34 -11.24 -23.07
C PHE C 193 19.55 -12.00 -24.13
N LYS C 194 19.85 -13.29 -24.28
CA LYS C 194 19.19 -14.14 -25.26
C LYS C 194 18.05 -14.89 -24.58
N TYR C 195 16.84 -14.74 -25.09
CA TYR C 195 15.67 -15.35 -24.48
C TYR C 195 14.55 -15.43 -25.50
N ASN C 196 14.01 -16.63 -25.70
CA ASN C 196 12.83 -16.82 -26.52
C ASN C 196 11.61 -16.82 -25.61
N ASP C 197 10.71 -15.86 -25.82
CA ASP C 197 9.58 -15.66 -24.91
C ASP C 197 8.60 -16.83 -24.90
N SER C 198 8.74 -17.78 -25.80
CA SER C 198 7.86 -18.95 -25.79
C SER C 198 8.13 -19.87 -24.61
N ASN C 199 9.32 -19.77 -24.00
CA ASN C 199 9.62 -20.58 -22.82
C ASN C 199 8.92 -20.09 -21.57
N CYS C 200 8.35 -18.89 -21.60
CA CYS C 200 7.67 -18.37 -20.42
C CYS C 200 6.39 -19.14 -20.17
N PRO C 201 6.24 -19.82 -19.03
CA PRO C 201 5.05 -20.66 -18.81
C PRO C 201 3.77 -19.85 -18.59
N ILE C 202 3.23 -19.28 -19.68
CA ILE C 202 2.02 -18.48 -19.61
C ILE C 202 0.86 -19.34 -20.06
N THR C 203 1.05 -20.66 -20.04
CA THR C 203 0.02 -21.57 -20.51
C THR C 203 -1.18 -21.56 -19.58
N LYS C 204 -0.97 -21.94 -18.32
CA LYS C 204 -2.05 -21.96 -17.32
C LYS C 204 -2.23 -20.61 -16.65
N CYS C 205 -1.91 -19.51 -17.32
CA CYS C 205 -1.98 -18.16 -16.75
C CYS C 205 -2.55 -17.24 -17.82
N GLN C 206 -3.87 -17.08 -17.81
CA GLN C 206 -4.53 -16.31 -18.87
C GLN C 206 -4.27 -14.82 -18.78
N TYR C 207 -3.80 -14.33 -17.63
CA TYR C 207 -3.48 -12.92 -17.47
C TYR C 207 -2.01 -12.61 -17.67
N SER C 208 -1.21 -13.60 -18.07
CA SER C 208 0.21 -13.40 -18.30
C SER C 208 0.47 -13.10 -19.77
N LYS C 209 1.72 -12.80 -20.08
CA LYS C 209 2.16 -12.49 -21.44
C LYS C 209 3.53 -13.13 -21.65
N PRO C 210 3.90 -13.43 -22.90
CA PRO C 210 5.20 -14.08 -23.13
C PRO C 210 6.38 -13.24 -22.66
N GLU C 211 6.32 -11.93 -22.82
CA GLU C 211 7.44 -11.05 -22.48
C GLU C 211 7.53 -10.76 -20.99
N ASN C 212 6.70 -11.39 -20.16
CA ASN C 212 6.68 -11.05 -18.74
C ASN C 212 7.98 -11.46 -18.05
N CYS C 213 8.26 -12.78 -18.01
CA CYS C 213 9.42 -13.26 -17.28
C CYS C 213 10.74 -12.87 -17.93
N ARG C 214 10.73 -12.44 -19.19
CA ARG C 214 11.95 -11.89 -19.77
C ARG C 214 12.23 -10.49 -19.24
N LEU C 215 11.22 -9.61 -19.30
CA LEU C 215 11.36 -8.28 -18.74
C LEU C 215 11.52 -8.29 -17.23
N SER C 216 11.03 -9.34 -16.57
CA SER C 216 11.15 -9.45 -15.12
C SER C 216 12.53 -9.92 -14.68
N MET C 217 13.46 -10.13 -15.61
CA MET C 217 14.83 -10.46 -15.25
C MET C 217 15.61 -9.24 -14.77
N GLY C 218 15.05 -8.05 -14.88
CA GLY C 218 15.62 -6.85 -14.30
C GLY C 218 14.70 -6.24 -13.27
N ILE C 219 15.21 -5.33 -12.45
CA ILE C 219 14.40 -4.73 -11.39
C ILE C 219 13.25 -3.91 -11.97
N ARG C 220 13.39 -3.44 -13.20
CA ARG C 220 12.32 -2.77 -13.92
C ARG C 220 12.32 -3.31 -15.35
N PRO C 221 11.19 -3.23 -16.05
CA PRO C 221 11.15 -3.76 -17.42
C PRO C 221 12.13 -3.08 -18.35
N ASN C 222 12.37 -1.78 -18.16
CA ASN C 222 13.30 -1.01 -18.98
C ASN C 222 14.71 -0.98 -18.40
N SER C 223 15.05 -1.94 -17.54
CA SER C 223 16.34 -1.93 -16.88
C SER C 223 17.48 -2.11 -17.87
N HIS C 224 18.60 -1.43 -17.59
CA HIS C 224 19.78 -1.56 -18.44
C HIS C 224 20.39 -2.95 -18.34
N TYR C 225 20.54 -3.46 -17.13
CA TYR C 225 21.10 -4.78 -16.89
C TYR C 225 19.99 -5.79 -16.59
N ILE C 226 20.39 -7.06 -16.58
CA ILE C 226 19.59 -8.14 -16.03
C ILE C 226 20.46 -8.88 -15.02
N LEU C 227 19.80 -9.53 -14.07
CA LEU C 227 20.49 -10.23 -12.99
C LEU C 227 20.35 -11.73 -13.18
N ARG C 228 21.47 -12.43 -13.16
CA ARG C 228 21.52 -13.89 -13.29
C ARG C 228 22.29 -14.45 -12.12
N SER C 229 21.62 -15.22 -11.27
CA SER C 229 22.30 -15.82 -10.13
C SER C 229 23.36 -16.82 -10.59
N GLY C 230 24.24 -17.17 -9.66
CA GLY C 230 25.29 -18.13 -9.95
C GLY C 230 26.29 -18.32 -8.83
N LEU C 231 27.55 -18.56 -9.18
CA LEU C 231 28.59 -18.83 -8.19
C LEU C 231 29.87 -18.12 -8.58
N LEU C 232 30.62 -17.70 -7.57
CA LEU C 232 31.97 -17.18 -7.75
C LEU C 232 32.95 -18.19 -7.18
N LYS C 233 33.99 -18.50 -7.96
CA LYS C 233 34.89 -19.62 -7.68
C LYS C 233 36.26 -19.08 -7.29
N TYR C 234 36.76 -19.52 -6.14
CA TYR C 234 38.09 -19.13 -5.66
C TYR C 234 38.87 -20.40 -5.32
N ASN C 235 39.77 -20.78 -6.22
CA ASN C 235 40.62 -21.95 -6.03
C ASN C 235 41.89 -21.51 -5.30
N LEU C 236 42.02 -21.91 -4.03
CA LEU C 236 43.16 -21.50 -3.22
C LEU C 236 44.48 -22.04 -3.76
N SER C 237 44.46 -23.14 -4.52
CA SER C 237 45.67 -23.73 -5.08
C SER C 237 45.87 -23.31 -6.52
N ASP C 238 45.77 -22.00 -6.78
CA ASP C 238 45.86 -21.44 -8.13
C ASP C 238 46.84 -20.26 -8.10
N GLY C 239 48.12 -20.56 -7.90
CA GLY C 239 49.11 -19.52 -7.75
C GLY C 239 49.04 -18.88 -6.38
N GLU C 240 49.98 -18.00 -6.07
CA GLU C 240 49.92 -17.31 -4.78
C GLU C 240 48.77 -16.32 -4.73
N ASN C 241 48.39 -15.76 -5.88
CA ASN C 241 47.27 -14.82 -6.00
C ASN C 241 46.20 -15.45 -6.88
N PRO C 242 45.26 -16.20 -6.32
CA PRO C 242 44.20 -16.81 -7.12
C PRO C 242 43.24 -15.75 -7.65
N LYS C 243 42.39 -16.19 -8.57
CA LYS C 243 41.40 -15.34 -9.20
C LYS C 243 40.00 -15.89 -8.97
N VAL C 244 39.00 -15.05 -9.24
CA VAL C 244 37.60 -15.42 -9.10
C VAL C 244 37.00 -15.57 -10.48
N VAL C 245 36.26 -16.66 -10.68
CA VAL C 245 35.58 -16.95 -11.94
C VAL C 245 34.10 -17.09 -11.66
N PHE C 246 33.28 -16.50 -12.53
CA PHE C 246 31.83 -16.56 -12.38
C PHE C 246 31.27 -17.80 -13.05
N ILE C 247 30.26 -18.39 -12.41
CA ILE C 247 29.60 -19.61 -12.90
C ILE C 247 28.10 -19.32 -12.88
N GLU C 248 27.52 -19.04 -14.04
CA GLU C 248 26.11 -18.73 -14.11
C GLU C 248 25.26 -19.95 -13.77
N ILE C 249 24.10 -19.71 -13.16
CA ILE C 249 23.15 -20.77 -12.90
C ILE C 249 22.46 -21.14 -14.20
N SER C 250 21.97 -22.38 -14.28
CA SER C 250 21.34 -22.86 -15.50
C SER C 250 20.01 -22.15 -15.73
N ASP C 251 19.45 -22.38 -16.92
CA ASP C 251 18.17 -21.79 -17.30
C ASP C 251 16.97 -22.57 -16.77
N GLN C 252 17.19 -23.68 -16.06
CA GLN C 252 16.09 -24.44 -15.48
C GLN C 252 15.43 -23.63 -14.37
N ARG C 253 14.15 -23.33 -14.56
CA ARG C 253 13.37 -22.53 -13.61
C ARG C 253 14.08 -21.20 -13.32
N LEU C 254 14.31 -20.46 -14.40
CA LEU C 254 15.08 -19.22 -14.30
C LEU C 254 14.25 -18.14 -13.63
N SER C 255 14.87 -17.43 -12.70
CA SER C 255 14.26 -16.29 -12.03
C SER C 255 15.29 -15.15 -11.98
N ILE C 256 14.83 -13.98 -11.52
CA ILE C 256 15.73 -12.84 -11.43
C ILE C 256 16.81 -13.13 -10.40
N GLY C 257 18.03 -12.68 -10.70
CA GLY C 257 19.16 -12.85 -9.81
C GLY C 257 18.87 -12.34 -8.40
N SER C 258 18.77 -13.26 -7.45
CA SER C 258 18.37 -12.97 -6.10
C SER C 258 19.44 -13.45 -5.12
N PRO C 259 19.45 -12.92 -3.88
CA PRO C 259 20.37 -13.44 -2.87
C PRO C 259 20.24 -14.94 -2.67
N SER C 260 21.19 -15.69 -3.21
CA SER C 260 21.16 -17.15 -3.16
C SER C 260 22.07 -17.66 -2.06
N LYS C 261 22.01 -18.97 -1.82
CA LYS C 261 22.80 -19.60 -0.77
C LYS C 261 23.03 -21.06 -1.13
N ILE C 262 24.30 -21.48 -1.03
CA ILE C 262 24.69 -22.86 -1.28
C ILE C 262 25.36 -23.40 -0.03
N TYR C 263 24.91 -24.56 0.43
CA TYR C 263 25.36 -25.11 1.70
C TYR C 263 25.48 -26.62 1.61
N ASP C 264 26.37 -27.17 2.43
CA ASP C 264 26.49 -28.62 2.57
C ASP C 264 25.42 -29.14 3.52
N SER C 265 24.91 -30.34 3.22
CA SER C 265 23.92 -30.97 4.08
C SER C 265 23.93 -32.47 3.80
N LEU C 266 24.45 -33.25 4.75
CA LEU C 266 24.48 -34.71 4.66
C LEU C 266 25.26 -35.18 3.44
N GLY C 267 26.43 -34.58 3.24
CA GLY C 267 27.35 -35.01 2.20
C GLY C 267 26.98 -34.62 0.79
N GLN C 268 26.05 -33.68 0.60
CA GLN C 268 25.70 -33.20 -0.72
C GLN C 268 25.39 -31.71 -0.63
N PRO C 269 25.89 -30.90 -1.56
CA PRO C 269 25.57 -29.47 -1.53
C PRO C 269 24.13 -29.22 -1.93
N VAL C 270 23.51 -28.24 -1.26
CA VAL C 270 22.15 -27.82 -1.55
C VAL C 270 22.17 -26.34 -1.90
N PHE C 271 21.35 -25.94 -2.87
CA PHE C 271 21.30 -24.57 -3.35
C PHE C 271 19.91 -23.99 -3.10
N TYR C 272 19.88 -22.74 -2.65
CA TYR C 272 18.64 -21.99 -2.45
C TYR C 272 18.74 -20.65 -3.15
N GLN C 273 17.67 -20.24 -3.82
CA GLN C 273 17.59 -18.94 -4.47
C GLN C 273 16.36 -18.20 -3.97
N ALA C 274 16.53 -16.93 -3.63
CA ALA C 274 15.41 -16.14 -3.15
C ALA C 274 14.43 -15.86 -4.28
N SER C 275 13.16 -15.66 -3.92
CA SER C 275 12.09 -15.44 -4.89
C SER C 275 11.75 -13.95 -4.89
N PHE C 276 12.40 -13.23 -5.79
CA PHE C 276 12.15 -11.80 -5.99
C PHE C 276 11.30 -11.51 -7.21
N SER C 277 10.91 -12.53 -7.96
CA SER C 277 10.10 -12.31 -9.16
C SER C 277 8.69 -12.84 -8.94
N TRP C 278 8.12 -13.42 -10.00
CA TRP C 278 6.79 -14.00 -9.98
C TRP C 278 6.77 -15.44 -9.47
N ASP C 279 7.92 -16.10 -9.40
CA ASP C 279 8.01 -17.49 -8.95
C ASP C 279 8.00 -17.50 -7.43
N THR C 280 6.80 -17.34 -6.87
CA THR C 280 6.69 -17.16 -5.42
C THR C 280 7.09 -18.43 -4.67
N MET C 281 6.82 -19.59 -5.25
CA MET C 281 7.11 -20.84 -4.57
C MET C 281 8.61 -21.00 -4.36
N ILE C 282 8.97 -21.63 -3.25
CA ILE C 282 10.37 -21.70 -2.84
C ILE C 282 11.20 -22.38 -3.91
N LYS C 283 12.42 -21.88 -4.10
CA LYS C 283 13.34 -22.34 -5.13
C LYS C 283 14.60 -22.86 -4.47
N PHE C 284 14.63 -24.16 -4.17
CA PHE C 284 15.82 -24.78 -3.63
C PHE C 284 15.81 -26.26 -3.99
N GLY C 285 16.92 -26.93 -3.67
CA GLY C 285 17.07 -28.33 -4.01
C GLY C 285 18.52 -28.70 -4.09
N ASP C 286 18.75 -30.02 -4.22
CA ASP C 286 20.10 -30.54 -4.30
C ASP C 286 20.79 -30.07 -5.58
N VAL C 287 22.11 -29.92 -5.49
CA VAL C 287 22.92 -29.49 -6.63
C VAL C 287 23.38 -30.72 -7.40
N LEU C 288 23.08 -30.76 -8.69
CA LEU C 288 23.55 -31.85 -9.53
C LEU C 288 25.00 -31.65 -9.93
N THR C 289 25.33 -30.46 -10.44
CA THR C 289 26.69 -30.11 -10.82
C THR C 289 26.99 -28.71 -10.32
N VAL C 290 28.20 -28.53 -9.78
CA VAL C 290 28.62 -27.20 -9.34
C VAL C 290 29.12 -26.37 -10.52
N ASN C 291 29.87 -26.99 -11.41
CA ASN C 291 30.40 -26.31 -12.60
C ASN C 291 30.19 -27.21 -13.82
N PRO C 292 29.23 -26.88 -14.70
CA PRO C 292 28.35 -25.72 -14.60
C PRO C 292 27.26 -25.91 -13.57
N LEU C 293 26.68 -24.82 -13.08
CA LEU C 293 25.71 -24.90 -12.00
C LEU C 293 24.39 -25.44 -12.52
N VAL C 294 23.91 -26.53 -11.92
CA VAL C 294 22.61 -27.11 -12.22
C VAL C 294 21.99 -27.56 -10.90
N VAL C 295 20.83 -27.00 -10.55
CA VAL C 295 20.16 -27.28 -9.29
C VAL C 295 18.89 -28.05 -9.58
N ASN C 296 18.76 -29.23 -8.98
CA ASN C 296 17.54 -30.03 -9.07
C ASN C 296 16.51 -29.42 -8.12
N TRP C 297 15.80 -28.41 -8.63
CA TRP C 297 14.85 -27.67 -7.82
C TRP C 297 13.77 -28.59 -7.27
N ARG C 298 13.36 -28.34 -6.03
CA ARG C 298 12.21 -29.04 -5.48
C ARG C 298 10.93 -28.57 -6.16
N ASN C 299 9.97 -29.47 -6.25
CA ASN C 299 8.64 -29.12 -6.72
C ASN C 299 7.71 -28.83 -5.54
N ASN C 300 8.19 -27.96 -4.66
CA ASN C 300 7.49 -27.64 -3.43
C ASN C 300 6.29 -26.75 -3.73
N THR C 301 5.17 -27.04 -3.07
CA THR C 301 3.92 -26.33 -3.31
C THR C 301 3.30 -25.79 -2.02
N VAL C 302 4.10 -25.63 -0.96
CA VAL C 302 3.55 -25.22 0.32
C VAL C 302 4.28 -24.05 0.96
N ILE C 303 5.53 -23.75 0.59
CA ILE C 303 6.28 -22.65 1.18
C ILE C 303 6.50 -21.59 0.12
N SER C 304 6.05 -20.36 0.38
CA SER C 304 6.30 -19.22 -0.47
C SER C 304 6.70 -18.04 0.39
N ARG C 305 6.82 -16.85 -0.20
CA ARG C 305 7.24 -15.70 0.59
C ARG C 305 6.29 -14.54 0.35
N PRO C 306 6.18 -13.63 1.32
CA PRO C 306 5.32 -12.46 1.14
C PRO C 306 5.94 -11.50 0.13
N GLY C 307 5.13 -11.07 -0.83
CA GLY C 307 5.60 -10.11 -1.82
C GLY C 307 4.90 -8.77 -1.70
N GLN C 308 4.36 -8.27 -2.81
CA GLN C 308 3.57 -7.05 -2.76
C GLN C 308 2.19 -7.28 -3.38
N SER C 309 1.71 -6.33 -4.18
CA SER C 309 0.34 -6.39 -4.66
C SER C 309 0.21 -7.29 -5.89
N GLN C 310 1.09 -7.11 -6.88
CA GLN C 310 0.95 -7.86 -8.13
C GLN C 310 1.55 -9.25 -8.04
N CYS C 311 2.60 -9.45 -7.25
CA CYS C 311 3.23 -10.74 -7.06
C CYS C 311 3.18 -11.10 -5.58
N PRO C 312 1.99 -11.42 -5.06
CA PRO C 312 1.90 -11.74 -3.63
C PRO C 312 2.38 -13.14 -3.34
N ARG C 313 2.13 -13.61 -2.12
CA ARG C 313 2.55 -14.97 -1.76
C ARG C 313 1.73 -15.99 -2.55
N PHE C 314 2.39 -17.11 -2.89
CA PHE C 314 1.83 -18.25 -3.62
C PHE C 314 1.56 -17.96 -5.08
N ASN C 315 1.97 -16.81 -5.59
CA ASN C 315 1.79 -16.52 -7.02
C ASN C 315 2.69 -17.41 -7.86
N THR C 316 2.13 -17.99 -8.93
CA THR C 316 2.91 -18.88 -9.79
C THR C 316 2.84 -18.47 -11.25
N CYS C 317 2.30 -17.30 -11.56
CA CYS C 317 2.12 -16.87 -12.94
C CYS C 317 3.14 -15.81 -13.29
N PRO C 318 3.79 -15.92 -14.46
CA PRO C 318 4.80 -14.92 -14.84
C PRO C 318 4.20 -13.51 -14.87
N GLU C 319 4.78 -12.63 -14.07
CA GLU C 319 4.37 -11.24 -13.98
C GLU C 319 5.59 -10.34 -14.00
N ILE C 320 5.38 -9.07 -14.29
CA ILE C 320 6.43 -8.06 -14.25
C ILE C 320 6.46 -7.49 -12.85
N CYS C 321 7.45 -7.91 -12.06
CA CYS C 321 7.53 -7.50 -10.67
C CYS C 321 8.93 -7.81 -10.14
N TRP C 322 9.31 -7.08 -9.09
CA TRP C 322 10.56 -7.30 -8.37
C TRP C 322 10.26 -7.13 -6.89
N GLU C 323 9.63 -8.14 -6.31
CA GLU C 323 9.15 -8.09 -4.93
C GLU C 323 9.47 -9.41 -4.23
N GLY C 324 9.82 -9.33 -2.96
CA GLY C 324 10.06 -10.53 -2.18
C GLY C 324 10.96 -10.27 -1.00
N VAL C 325 11.28 -11.35 -0.30
CA VAL C 325 12.16 -11.32 0.86
C VAL C 325 12.94 -12.62 0.91
N TYR C 326 14.04 -12.61 1.66
CA TYR C 326 14.96 -13.75 1.71
C TYR C 326 14.62 -14.61 2.92
N ASN C 327 14.00 -15.76 2.68
CA ASN C 327 13.74 -16.78 3.70
C ASN C 327 14.23 -18.12 3.16
N ASP C 328 15.36 -18.59 3.67
CA ASP C 328 15.97 -19.82 3.18
C ASP C 328 15.60 -21.02 4.05
N ALA C 329 15.88 -22.20 3.52
CA ALA C 329 15.60 -23.46 4.21
C ALA C 329 16.87 -24.30 4.26
N PHE C 330 16.88 -25.26 5.17
CA PHE C 330 18.04 -26.13 5.38
C PHE C 330 17.56 -27.58 5.39
N LEU C 331 18.13 -28.40 4.51
CA LEU C 331 17.78 -29.81 4.45
C LEU C 331 18.38 -30.56 5.63
N ILE C 332 17.54 -31.28 6.37
CA ILE C 332 18.00 -32.04 7.52
C ILE C 332 17.83 -33.54 7.36
N ASP C 333 16.95 -34.01 6.47
CA ASP C 333 16.75 -35.43 6.23
C ASP C 333 16.58 -35.63 4.73
N ARG C 334 17.68 -35.96 4.05
CA ARG C 334 17.66 -36.07 2.59
C ARG C 334 16.79 -37.23 2.13
N ILE C 335 16.67 -38.28 2.94
CA ILE C 335 15.92 -39.47 2.52
C ILE C 335 14.47 -39.11 2.24
N ASN C 336 13.84 -38.35 3.12
CA ASN C 336 12.48 -37.89 2.94
C ASN C 336 12.41 -36.44 2.47
N TRP C 337 13.55 -35.78 2.33
CA TRP C 337 13.64 -34.36 1.98
C TRP C 337 12.73 -33.51 2.88
N ILE C 338 13.16 -33.43 4.13
CA ILE C 338 12.53 -32.60 5.14
C ILE C 338 13.45 -31.42 5.42
N SER C 339 12.91 -30.20 5.31
CA SER C 339 13.68 -28.99 5.47
C SER C 339 13.13 -28.15 6.61
N ALA C 340 13.94 -27.21 7.08
CA ALA C 340 13.58 -26.34 8.19
C ALA C 340 13.95 -24.91 7.84
N GLY C 341 13.12 -23.96 8.30
CA GLY C 341 13.36 -22.56 8.06
C GLY C 341 12.32 -21.65 8.67
N VAL C 342 12.70 -20.41 8.96
CA VAL C 342 11.78 -19.42 9.52
C VAL C 342 11.19 -18.63 8.36
N PHE C 343 9.88 -18.78 8.16
CA PHE C 343 9.18 -18.11 7.07
C PHE C 343 8.13 -17.16 7.64
N LEU C 344 7.68 -16.23 6.80
CA LEU C 344 6.77 -15.17 7.19
C LEU C 344 5.35 -15.55 6.77
N ASP C 345 4.48 -15.81 7.76
CA ASP C 345 3.08 -16.11 7.48
C ASP C 345 2.37 -14.80 7.18
N SER C 346 2.53 -14.35 5.94
CA SER C 346 1.92 -13.11 5.46
C SER C 346 1.96 -13.12 3.94
N ASN C 347 1.03 -12.40 3.32
CA ASN C 347 0.89 -12.40 1.88
C ASN C 347 1.57 -11.20 1.22
N GLN C 348 1.39 -9.99 1.76
CA GLN C 348 1.91 -8.79 1.11
C GLN C 348 2.72 -7.90 2.04
N THR C 349 2.98 -8.33 3.27
CA THR C 349 3.82 -7.59 4.20
C THR C 349 4.82 -8.54 4.84
N ALA C 350 5.88 -7.95 5.41
CA ALA C 350 6.93 -8.72 6.09
C ALA C 350 6.56 -8.83 7.57
N GLU C 351 5.68 -9.79 7.86
CA GLU C 351 5.14 -9.94 9.20
C GLU C 351 5.09 -11.41 9.58
N ASN C 352 5.03 -11.65 10.90
CA ASN C 352 4.74 -12.96 11.50
C ASN C 352 5.76 -14.02 11.07
N PRO C 353 6.90 -14.12 11.75
CA PRO C 353 7.87 -15.18 11.43
C PRO C 353 7.52 -16.48 12.14
N VAL C 354 7.53 -17.57 11.40
CA VAL C 354 7.20 -18.90 11.92
C VAL C 354 8.29 -19.88 11.52
N PHE C 355 8.86 -20.56 12.51
CA PHE C 355 9.80 -21.64 12.24
C PHE C 355 9.03 -22.85 11.71
N THR C 356 9.30 -23.25 10.48
CA THR C 356 8.53 -24.27 9.80
C THR C 356 9.41 -25.45 9.41
N VAL C 357 8.91 -26.65 9.63
CA VAL C 357 9.53 -27.89 9.16
C VAL C 357 8.57 -28.53 8.17
N PHE C 358 9.03 -28.80 6.95
CA PHE C 358 8.13 -29.12 5.86
C PHE C 358 8.79 -30.11 4.90
N LYS C 359 7.93 -30.80 4.15
CA LYS C 359 8.33 -31.60 3.00
C LYS C 359 7.90 -30.85 1.72
N ASP C 360 8.00 -31.53 0.59
CA ASP C 360 7.70 -30.87 -0.68
C ASP C 360 6.23 -30.50 -0.81
N ASN C 361 5.32 -31.24 -0.16
CA ASN C 361 3.90 -31.01 -0.32
C ASN C 361 3.15 -30.98 1.01
N GLU C 362 3.85 -30.75 2.12
CA GLU C 362 3.20 -30.82 3.42
C GLU C 362 4.06 -30.11 4.45
N ILE C 363 3.46 -29.16 5.17
CA ILE C 363 4.10 -28.57 6.33
C ILE C 363 3.89 -29.52 7.51
N LEU C 364 5.00 -29.96 8.11
CA LEU C 364 4.92 -30.98 9.16
C LEU C 364 4.56 -30.38 10.51
N TYR C 365 5.47 -29.61 11.09
CA TYR C 365 5.20 -28.93 12.36
C TYR C 365 5.83 -27.54 12.33
N ARG C 366 5.22 -26.62 13.09
CA ARG C 366 5.62 -25.23 13.08
C ARG C 366 5.62 -24.68 14.50
N ALA C 367 6.15 -23.46 14.64
CA ALA C 367 6.16 -22.75 15.92
C ALA C 367 6.29 -21.27 15.64
N GLN C 368 5.36 -20.47 16.16
CA GLN C 368 5.33 -19.04 15.91
C GLN C 368 6.38 -18.35 16.78
N LEU C 369 7.33 -17.66 16.13
CA LEU C 369 8.42 -17.03 16.86
C LEU C 369 7.99 -15.77 17.60
N ALA C 370 7.03 -15.02 17.04
CA ALA C 370 6.59 -13.77 17.67
C ALA C 370 5.07 -13.64 17.62
N SER C 371 4.59 -12.44 17.34
CA SER C 371 3.17 -12.18 17.17
C SER C 371 2.82 -12.12 15.69
N GLU C 372 1.53 -12.28 15.40
CA GLU C 372 1.06 -12.37 14.03
C GLU C 372 1.26 -11.08 13.23
N ASP C 373 1.56 -9.96 13.90
CA ASP C 373 1.76 -8.68 13.21
C ASP C 373 3.13 -8.09 13.54
N THR C 374 4.11 -8.93 13.84
CA THR C 374 5.46 -8.47 14.14
C THR C 374 6.24 -8.32 12.85
N ASN C 375 6.81 -7.13 12.63
CA ASN C 375 7.61 -6.89 11.44
C ASN C 375 8.83 -7.79 11.45
N ALA C 376 8.99 -8.58 10.39
CA ALA C 376 10.11 -9.51 10.27
C ALA C 376 10.44 -9.68 8.80
N GLN C 377 11.71 -9.46 8.44
CA GLN C 377 12.12 -9.46 7.04
C GLN C 377 13.02 -10.65 6.80
N LYS C 378 14.35 -10.49 6.85
CA LYS C 378 15.27 -11.54 6.41
C LYS C 378 15.36 -12.66 7.43
N THR C 379 15.53 -13.89 6.91
CA THR C 379 15.67 -15.07 7.75
C THR C 379 16.80 -15.94 7.19
N ILE C 380 17.74 -16.31 8.05
CA ILE C 380 18.88 -17.14 7.68
C ILE C 380 18.93 -18.33 8.63
N THR C 381 18.81 -19.53 8.07
CA THR C 381 18.72 -20.75 8.87
C THR C 381 19.81 -21.73 8.47
N ASN C 382 20.55 -22.21 9.47
CA ASN C 382 21.54 -23.28 9.29
C ASN C 382 21.36 -24.30 10.39
N CYS C 383 21.48 -25.58 10.03
CA CYS C 383 21.31 -26.66 10.98
C CYS C 383 22.62 -27.45 11.11
N PHE C 384 22.76 -28.12 12.25
CA PHE C 384 23.96 -28.88 12.55
C PHE C 384 23.62 -29.93 13.60
N LEU C 385 24.65 -30.67 14.03
CA LEU C 385 24.50 -31.69 15.06
C LEU C 385 25.17 -31.24 16.34
N LEU C 386 24.55 -31.59 17.47
CA LEU C 386 25.11 -31.32 18.80
C LEU C 386 24.87 -32.57 19.64
N LYS C 387 25.93 -33.37 19.82
CA LYS C 387 25.85 -34.63 20.54
C LYS C 387 24.83 -35.56 19.88
N ASN C 388 25.00 -35.79 18.59
CA ASN C 388 24.15 -36.67 17.77
C ASN C 388 22.69 -36.24 17.78
N LYS C 389 22.42 -34.98 18.09
CA LYS C 389 21.07 -34.42 18.04
C LYS C 389 21.06 -33.25 17.08
N ILE C 390 19.99 -33.14 16.29
CA ILE C 390 19.91 -32.15 15.22
C ILE C 390 19.38 -30.84 15.79
N TRP C 391 20.18 -29.78 15.66
CA TRP C 391 19.81 -28.44 16.06
C TRP C 391 19.82 -27.52 14.85
N CYS C 392 19.12 -26.39 14.97
CA CYS C 392 19.10 -25.37 13.94
C CYS C 392 19.15 -24.00 14.60
N ILE C 393 20.01 -23.12 14.10
CA ILE C 393 20.11 -21.74 14.57
C ILE C 393 19.65 -20.83 13.44
N SER C 394 18.61 -20.05 13.70
CA SER C 394 18.04 -19.14 12.72
C SER C 394 18.28 -17.69 13.14
N LEU C 395 18.45 -16.83 12.13
CA LEU C 395 18.59 -15.40 12.33
C LEU C 395 17.37 -14.72 11.73
N VAL C 396 16.55 -14.10 12.57
CA VAL C 396 15.31 -13.47 12.15
C VAL C 396 15.44 -11.97 12.38
N GLU C 397 15.45 -11.21 11.28
CA GLU C 397 15.34 -9.76 11.38
C GLU C 397 13.97 -9.39 11.93
N ILE C 398 13.93 -8.77 13.10
CA ILE C 398 12.68 -8.43 13.76
C ILE C 398 12.72 -6.95 14.16
N TYR C 399 11.58 -6.29 14.07
CA TYR C 399 11.43 -4.91 14.47
C TYR C 399 10.95 -4.84 15.92
N ASP C 400 11.72 -4.14 16.76
CA ASP C 400 11.31 -3.93 18.14
C ASP C 400 10.18 -2.91 18.18
N THR C 401 9.14 -3.21 18.95
CA THR C 401 7.99 -2.31 19.03
C THR C 401 8.37 -1.00 19.72
N GLY C 402 9.24 -1.07 20.73
CA GLY C 402 9.60 0.11 21.50
C GLY C 402 10.67 0.98 20.88
N ASP C 403 11.83 0.40 20.60
CA ASP C 403 12.97 1.17 20.10
C ASP C 403 12.75 1.72 18.69
N ASN C 404 11.72 1.24 17.99
CA ASN C 404 11.44 1.69 16.61
C ASN C 404 12.63 1.47 15.69
N VAL C 405 13.32 0.34 15.87
CA VAL C 405 14.49 0.01 15.09
C VAL C 405 14.49 -1.49 14.82
N ILE C 406 14.62 -1.88 13.55
CA ILE C 406 14.71 -3.28 13.21
C ILE C 406 16.04 -3.85 13.74
N ARG C 407 16.06 -5.15 13.99
CA ARG C 407 17.21 -5.75 14.63
C ARG C 407 17.20 -7.25 14.40
N PRO C 408 18.36 -7.87 14.20
CA PRO C 408 18.39 -9.34 14.08
C PRO C 408 18.07 -10.00 15.42
N LYS C 409 17.69 -11.27 15.34
CA LYS C 409 17.46 -12.09 16.52
C LYS C 409 17.90 -13.51 16.22
N LEU C 410 18.46 -14.18 17.21
CA LEU C 410 19.00 -15.53 17.04
C LEU C 410 18.15 -16.50 17.83
N PHE C 411 17.61 -17.51 17.16
CA PHE C 411 16.83 -18.56 17.78
C PHE C 411 17.53 -19.89 17.60
N ALA C 412 17.50 -20.71 18.64
CA ALA C 412 18.07 -22.07 18.61
C ALA C 412 16.92 -23.06 18.76
N VAL C 413 16.57 -23.72 17.65
CA VAL C 413 15.44 -24.64 17.61
C VAL C 413 15.99 -26.06 17.45
N LYS C 414 15.53 -26.96 18.32
CA LYS C 414 15.91 -28.36 18.22
C LYS C 414 14.83 -29.13 17.44
N ILE C 415 15.26 -29.95 16.50
CA ILE C 415 14.33 -30.78 15.75
C ILE C 415 13.99 -31.99 16.61
N PRO C 416 12.75 -32.15 17.04
CA PRO C 416 12.41 -33.26 17.94
C PRO C 416 12.55 -34.61 17.25
N GLU C 417 12.82 -35.64 18.06
CA GLU C 417 12.93 -37.00 17.56
C GLU C 417 11.57 -37.69 17.55
N GLN C 418 10.92 -37.76 18.72
CA GLN C 418 9.55 -38.22 18.78
C GLN C 418 8.62 -37.12 18.24
N CYS C 419 7.35 -37.48 18.07
CA CYS C 419 6.32 -36.53 17.69
C CYS C 419 5.35 -36.25 18.85
N THR C 420 5.84 -36.43 20.07
CA THR C 420 5.03 -36.18 21.26
C THR C 420 5.85 -35.48 22.35
C1 NAG D . 10.75 -19.70 -29.99
C2 NAG D . 11.33 -19.65 -31.41
C3 NAG D . 10.24 -19.96 -32.43
C4 NAG D . 9.53 -21.26 -32.10
C5 NAG D . 9.02 -21.23 -30.66
C6 NAG D . 8.41 -22.54 -30.21
C7 NAG D . 13.24 -18.23 -31.97
C8 NAG D . 13.71 -16.82 -32.23
N2 NAG D . 11.95 -18.37 -31.68
O3 NAG D . 10.81 -20.03 -33.73
O4 NAG D . 8.43 -21.46 -32.98
O5 NAG D . 10.12 -20.97 -29.76
O6 NAG D . 9.40 -23.54 -30.02
O7 NAG D . 14.00 -19.19 -32.04
C1 NAG E . 24.15 6.59 -8.97
C2 NAG E . 23.23 7.57 -8.24
C3 NAG E . 23.34 8.96 -8.85
C4 NAG E . 24.79 9.41 -8.89
C5 NAG E . 25.67 8.36 -9.57
C6 NAG E . 27.14 8.70 -9.50
C7 NAG E . 21.35 6.29 -7.31
C8 NAG E . 19.90 5.92 -7.48
N2 NAG E . 21.86 7.10 -8.25
O3 NAG E . 22.55 9.87 -8.08
O4 NAG E . 24.90 10.65 -9.58
O5 NAG E . 25.50 7.10 -8.93
O6 NAG E . 27.41 9.64 -8.48
O7 NAG E . 22.01 5.90 -6.36
C1 NAG F . 42.39 -25.95 -8.36
C2 NAG F . 41.59 -27.00 -9.14
C3 NAG F . 42.36 -28.31 -9.24
C4 NAG F . 43.75 -28.07 -9.82
C5 NAG F . 44.46 -27.00 -9.00
C6 NAG F . 45.81 -26.61 -9.58
C7 NAG F . 39.17 -26.66 -8.97
C8 NAG F . 37.91 -27.00 -8.22
N2 NAG F . 40.28 -27.22 -8.53
O3 NAG F . 41.64 -29.22 -10.06
O4 NAG F . 44.51 -29.27 -9.79
O5 NAG F . 43.68 -25.80 -8.97
O6 NAG F . 45.76 -25.32 -10.17
O7 NAG F . 39.15 -25.90 -9.94
C1 NAG G . 10.18 -31.65 -10.41
C2 NAG G . 11.34 -32.63 -10.24
C3 NAG G . 12.17 -32.70 -11.52
C4 NAG G . 11.29 -32.99 -12.72
C5 NAG G . 10.12 -32.01 -12.78
C6 NAG G . 9.13 -32.32 -13.88
C7 NAG G . 12.52 -33.13 -8.14
C8 NAG G . 12.01 -34.53 -8.29
N2 NAG G . 12.17 -32.27 -9.11
O3 NAG G . 13.17 -33.70 -11.39
O4 NAG G . 12.04 -32.90 -13.92
O5 NAG G . 9.39 -32.04 -11.54
O6 NAG G . 8.35 -33.46 -13.56
O7 NAG G . 13.23 -32.79 -7.20
C1 NAG H . -3.19 -15.15 1.46
C2 NAG H . -4.49 -14.98 2.24
C3 NAG H . -5.23 -16.31 2.37
C4 NAG H . -5.43 -16.93 0.98
C5 NAG H . -4.09 -17.04 0.25
C6 NAG H . -4.23 -17.55 -1.16
C7 NAG H . -5.11 -13.66 4.22
C8 NAG H . -4.67 -13.16 5.56
N2 NAG H . -4.23 -14.42 3.56
O3 NAG H . -6.48 -16.10 2.99
O4 NAG H . -6.00 -18.22 1.11
O5 NAG H . -3.48 -15.75 0.18
O6 NAG H . -3.64 -16.64 -2.09
O7 NAG H . -6.21 -13.38 3.74
#